data_8HK3
#
_entry.id   8HK3
#
_cell.length_a   1.00
_cell.length_b   1.00
_cell.length_c   1.00
_cell.angle_alpha   90.00
_cell.angle_beta   90.00
_cell.angle_gamma   90.00
#
_symmetry.space_group_name_H-M   'P 1'
#
loop_
_entity.id
_entity.type
_entity.pdbx_description
1 polymer 'Guanine nucleotide-binding protein G(i) subunit alpha-1'
2 polymer 'Guanine nucleotide-binding protein G(I)/G(S)/G(T) subunit beta-1'
3 polymer 'C3a anaphylatoxin chemotactic receptor'
4 polymer 'Guanine nucleotide-binding protein G(I)/G(S)/G(O) subunit gamma-2'
5 polymer scFv16
#
loop_
_entity_poly.entity_id
_entity_poly.type
_entity_poly.pdbx_seq_one_letter_code
_entity_poly.pdbx_strand_id
1 'polypeptide(L)'
;GCTLSAEDKAAVERSKMIDRNLREDGEKAAREVKLLLLGAGESGKSTIVKQMKIIHEAGYSEEECKQYKAVVYSNTIQSI
IAIIRAMGRLKIDFGDSARADDARQLFVLAGAAEEGFMTAELAGVIKRLWKDSGVQACFNRSREYQLNDSAAYYLNDLDR
IAQPNYIPTQQDVLRTRVKTTGIVETHFTFKDLHFKMFDVGAQRSERKKWIHCFEGVTAIIFCVALSDYDLVLAEDEEMN
RMHESMKLFDSICNNKWFTDTSIILFLNKKDLFEEKIKKSPLTICYPEYAGSNTYEEAAAYIQCQFEDLNKRKDTKEIYT
HFTCSTDTKNVQFVFDAVTDVIIKNNLKDCGLF
;
A
2 'polypeptide(L)'
;MGSLLQSELDQLRQEAEQLKNQIRDARKACADATLSQITNNIDPVGRIQMRTRRTLRGHLAKIYAMHWGTDSRLLVSASQ
DGKLIIWDSYTTNKVHAIPLRSSWVMTCAYAPSGNYVACGGLDNICSIYNLKTREGNVRVSRELAGHTGYLSCCRFLDDN
QIVTSSGDTTCALWDIETGQQTTTFTGHTGDVMSLSLAPDTRLFVSGACDASAKLWDVREGMCRQTFTGHESDINAICFF
PNGNAFATGSDDATCRLFDLRADQELMTYSHDNIICGITSVSFSKSGRLLLAGYDDFNCNVWDALKADRAGVLAGHDNRV
SCLGVTDDGMAVATGSWDSFLKIWN
;
B
3 'polypeptide(L)'
;MASFSAETNSTDLLSQPWNEPPVILSMVILSLTFLLGLPGNGLVLWVAGLKMQRTVNTIWFLHLTLADLLCCLSLPFSLA
HLALQGQWPYGRFLCKLIPSIIVLNMFASVFLLTAISLDRCLVVFKPIWCQNHRNVGMACSICGCIWVVAFVMCIPVFVY
REIFTTDNHNRCGYKFGLSSSLDYPDFYGDPLENRSLENIVQPPGEMNDRLDPSSFQTNDHPWTVPTVFQPQTFQRPSAD
SLPRGSARLTSQNLYSNVFKPADVVSPKIPSGFPIEDHETSPLDNSDAFLSTHLKLFPSASSNSFYESELPQGFQDYYNL
GQFTDDDQVPTPLVAITITRLVVGFLLPSVIMIACYSFIVFRMQRGRFAKSQSKTFRVAVVVVAVFLVCWTPYHIFGVLS
LLTDPETPLGKTLMSWDHVCIALASANSCFNPFLYALLGKDFRKKARQSIQGILEAAFSEELTRSTHCPSNNVISE
;
C
4 'polypeptide(L)' ASNNTASIAQARKLVEQLKMEANIDRIKVSKAAADLMAYCEAHAKEDPLLTPVPASENPFREKKFFC G
5 'polypeptide(L)'
;VQLVESGGGLVQPGGSRKLSCSASGFAFSSFGMHWVRQAPEKGLEWVAYISSGSGTIYYADTVKGRFTISRDDPKNTLFL
QMTSLRSEDTAMYYCVRSIYYYGSSPFDFWGQGTTLTVSAGGGGSGGGGSGGGGSADIVMTQATSSVPVTPGESVSISCR
SSKSLLHSNGNTYLYWFLQRPGQSPQLLIYRMSNLASGVPDRFSGSGSGTAFTLTISRLEAEDVGVYYCMQHLEYPLTFG
AGTKLEL
;
H
#
# COMPACT_ATOMS: atom_id res chain seq x y z
N LEU A 4 -8.15 -2.28 27.69
CA LEU A 4 -7.06 -3.29 27.64
C LEU A 4 -5.80 -2.71 27.01
N SER A 5 -5.49 -1.47 27.36
CA SER A 5 -4.33 -0.77 26.84
C SER A 5 -3.69 0.06 27.95
N ALA A 6 -2.39 -0.12 28.13
CA ALA A 6 -1.62 0.63 29.13
C ALA A 6 -0.61 1.58 28.49
N GLU A 7 0.25 1.06 27.61
CA GLU A 7 1.24 1.88 26.92
C GLU A 7 1.06 1.91 25.41
N ASP A 8 0.29 0.98 24.84
CA ASP A 8 0.10 0.92 23.39
C ASP A 8 -0.69 2.10 22.84
N LYS A 9 -1.19 3.01 23.70
CA LYS A 9 -1.89 4.18 23.19
C LYS A 9 -0.96 5.05 22.36
N ALA A 10 0.26 5.28 22.85
CA ALA A 10 1.23 6.04 22.07
C ALA A 10 1.61 5.33 20.79
N ALA A 11 1.67 3.99 20.82
CA ALA A 11 1.95 3.24 19.61
C ALA A 11 0.85 3.42 18.58
N VAL A 12 -0.41 3.37 19.02
CA VAL A 12 -1.52 3.57 18.10
C VAL A 12 -1.52 4.99 17.56
N GLU A 13 -1.17 5.97 18.41
CA GLU A 13 -1.07 7.35 17.94
C GLU A 13 0.00 7.50 16.87
N ARG A 14 1.17 6.89 17.10
CA ARG A 14 2.23 6.94 16.11
C ARG A 14 1.80 6.25 14.81
N SER A 15 1.08 5.13 14.93
CA SER A 15 0.60 4.44 13.75
C SER A 15 -0.36 5.32 12.95
N LYS A 16 -1.28 6.00 13.65
CA LYS A 16 -2.21 6.89 12.96
C LYS A 16 -1.48 8.05 12.30
N MET A 17 -0.47 8.60 12.98
CA MET A 17 0.30 9.69 12.38
C MET A 17 1.03 9.21 11.13
N ILE A 18 1.64 8.03 11.18
CA ILE A 18 2.34 7.50 10.02
C ILE A 18 1.36 7.23 8.88
N ASP A 19 0.17 6.73 9.21
CA ASP A 19 -0.83 6.49 8.17
C ASP A 19 -1.27 7.79 7.52
N ARG A 20 -1.46 8.83 8.33
CA ARG A 20 -1.82 10.13 7.78
C ARG A 20 -0.72 10.67 6.88
N ASN A 21 0.54 10.53 7.31
CA ASN A 21 1.66 11.00 6.50
C ASN A 21 1.73 10.24 5.18
N LEU A 22 1.54 8.92 5.22
CA LEU A 22 1.57 8.13 4.00
C LEU A 22 0.42 8.51 3.06
N ARG A 23 -0.77 8.74 3.61
CA ARG A 23 -1.90 9.16 2.78
C ARG A 23 -1.63 10.51 2.14
N GLU A 24 -1.05 11.44 2.90
CA GLU A 24 -0.71 12.74 2.33
C GLU A 24 0.31 12.60 1.22
N ASP A 25 1.35 11.79 1.45
CA ASP A 25 2.36 11.59 0.42
C ASP A 25 1.76 10.95 -0.83
N GLY A 26 0.83 10.02 -0.64
CA GLY A 26 0.18 9.41 -1.80
C GLY A 26 -0.68 10.40 -2.57
N GLU A 27 -1.44 11.23 -1.85
CA GLU A 27 -2.20 12.28 -2.52
C GLU A 27 -1.29 13.25 -3.25
N LYS A 28 -0.09 13.49 -2.72
CA LYS A 28 0.89 14.32 -3.42
C LYS A 28 1.60 13.57 -4.53
N ALA A 29 1.82 12.27 -4.35
CA ALA A 29 2.50 11.49 -5.38
C ALA A 29 1.64 11.34 -6.63
N ALA A 30 0.37 10.93 -6.45
CA ALA A 30 -0.53 10.77 -7.57
C ALA A 30 -0.91 12.10 -8.21
N ARG A 31 -0.53 13.22 -7.61
CA ARG A 31 -0.84 14.53 -8.17
C ARG A 31 0.06 14.90 -9.35
N GLU A 32 1.17 14.19 -9.54
CA GLU A 32 2.09 14.45 -10.64
C GLU A 32 1.92 13.40 -11.72
N VAL A 33 2.07 13.81 -12.97
CA VAL A 33 1.95 12.90 -14.11
C VAL A 33 3.25 12.13 -14.28
N LYS A 34 3.13 10.86 -14.63
CA LYS A 34 4.27 9.98 -14.84
C LYS A 34 4.29 9.50 -16.29
N LEU A 35 5.45 9.61 -16.93
CA LEU A 35 5.62 9.21 -18.32
C LEU A 35 6.83 8.29 -18.44
N LEU A 36 6.79 7.41 -19.42
CA LEU A 36 7.86 6.46 -19.69
C LEU A 36 8.50 6.79 -21.04
N LEU A 37 9.82 6.92 -21.04
CA LEU A 37 10.58 7.25 -22.25
C LEU A 37 11.23 6.00 -22.79
N LEU A 38 10.93 5.66 -24.04
CA LEU A 38 11.50 4.51 -24.72
C LEU A 38 11.82 4.89 -26.15
N GLY A 39 12.46 3.96 -26.86
CA GLY A 39 12.82 4.17 -28.25
C GLY A 39 14.23 3.75 -28.56
N ALA A 40 14.45 3.19 -29.76
CA ALA A 40 15.78 2.77 -30.17
C ALA A 40 16.66 3.98 -30.43
N GLY A 41 17.96 3.79 -30.22
CA GLY A 41 18.91 4.86 -30.42
C GLY A 41 19.04 5.77 -29.21
N GLU A 42 20.28 6.05 -28.80
CA GLU A 42 20.51 6.89 -27.63
C GLU A 42 20.55 8.37 -27.97
N SER A 43 20.99 8.73 -29.17
CA SER A 43 21.07 10.14 -29.55
C SER A 43 19.69 10.79 -29.52
N GLY A 44 18.67 10.11 -30.04
CA GLY A 44 17.34 10.67 -30.05
C GLY A 44 16.80 10.92 -28.66
N LYS A 45 16.91 9.91 -27.78
CA LYS A 45 16.44 10.08 -26.41
C LYS A 45 17.21 11.18 -25.68
N SER A 46 18.52 11.26 -25.92
CA SER A 46 19.32 12.30 -25.28
C SER A 46 18.86 13.69 -25.74
N THR A 47 18.65 13.85 -27.05
CA THR A 47 18.19 15.13 -27.56
C THR A 47 16.82 15.48 -27.01
N ILE A 48 15.93 14.49 -26.91
CA ILE A 48 14.60 14.76 -26.37
C ILE A 48 14.68 15.18 -24.91
N VAL A 49 15.50 14.50 -24.12
CA VAL A 49 15.65 14.86 -22.71
C VAL A 49 16.25 16.26 -22.58
N LYS A 50 17.20 16.60 -23.47
CA LYS A 50 17.79 17.93 -23.42
C LYS A 50 16.77 19.00 -23.75
N GLN A 51 15.97 18.77 -24.80
CA GLN A 51 14.94 19.74 -25.17
C GLN A 51 13.90 19.88 -24.06
N MET A 52 13.55 18.79 -23.39
CA MET A 52 12.57 18.83 -22.32
C MET A 52 13.17 19.27 -20.99
N LYS A 53 14.49 19.15 -20.83
CA LYS A 53 15.15 19.55 -19.60
C LYS A 53 14.58 18.78 -18.41
N THR A 181 24.24 3.30 -13.80
CA THR A 181 23.30 4.41 -13.84
C THR A 181 21.90 3.93 -13.45
N GLY A 182 21.32 3.07 -14.28
CA GLY A 182 20.00 2.55 -14.01
C GLY A 182 18.91 3.52 -14.43
N ILE A 183 17.83 3.53 -13.64
CA ILE A 183 16.70 4.41 -13.93
C ILE A 183 17.15 5.86 -13.79
N VAL A 184 16.77 6.69 -14.75
CA VAL A 184 17.08 8.12 -14.75
C VAL A 184 15.79 8.87 -14.45
N GLU A 185 15.80 9.64 -13.37
CA GLU A 185 14.63 10.40 -12.93
C GLU A 185 14.78 11.86 -13.34
N THR A 186 13.67 12.47 -13.76
CA THR A 186 13.67 13.86 -14.17
C THR A 186 12.34 14.48 -13.82
N HIS A 187 12.38 15.69 -13.26
CA HIS A 187 11.20 16.45 -12.88
C HIS A 187 11.19 17.78 -13.59
N PHE A 188 10.08 18.11 -14.23
CA PHE A 188 9.92 19.39 -14.91
C PHE A 188 8.44 19.75 -14.95
N THR A 189 8.13 20.99 -14.60
CA THR A 189 6.76 21.47 -14.56
C THR A 189 6.49 22.38 -15.76
N PHE A 190 5.31 22.21 -16.37
CA PHE A 190 4.93 22.99 -17.53
C PHE A 190 3.43 23.27 -17.44
N LYS A 191 3.06 24.55 -17.40
CA LYS A 191 1.67 24.97 -17.31
C LYS A 191 1.01 24.39 -16.05
N ASP A 192 1.71 24.53 -14.93
CA ASP A 192 1.22 24.08 -13.62
C ASP A 192 0.95 22.58 -13.58
N LEU A 193 1.57 21.82 -14.48
CA LEU A 193 1.40 20.37 -14.54
C LEU A 193 2.76 19.73 -14.36
N HIS A 194 2.86 18.82 -13.39
CA HIS A 194 4.11 18.14 -13.10
C HIS A 194 4.29 16.93 -14.00
N PHE A 195 5.54 16.60 -14.31
CA PHE A 195 5.89 15.48 -15.17
C PHE A 195 7.05 14.71 -14.55
N LYS A 196 6.94 13.38 -14.59
CA LYS A 196 7.98 12.48 -14.09
C LYS A 196 8.41 11.59 -15.25
N MET A 197 9.52 11.94 -15.88
CA MET A 197 10.02 11.21 -17.04
C MET A 197 10.87 10.04 -16.57
N PHE A 198 10.60 8.85 -17.13
CA PHE A 198 11.31 7.63 -16.79
C PHE A 198 12.06 7.14 -18.02
N ASP A 199 13.38 7.03 -17.90
CA ASP A 199 14.24 6.56 -18.98
C ASP A 199 14.93 5.29 -18.52
N VAL A 200 14.62 4.18 -19.20
CA VAL A 200 15.19 2.88 -18.87
C VAL A 200 16.15 2.40 -19.96
N GLY A 201 16.64 3.31 -20.79
CA GLY A 201 17.56 2.92 -21.85
C GLY A 201 18.88 2.40 -21.32
N ALA A 202 19.29 2.85 -20.14
CA ALA A 202 20.55 2.43 -19.55
C ALA A 202 20.46 1.08 -18.85
N GLN A 203 19.27 0.48 -18.76
CA GLN A 203 19.13 -0.80 -18.08
C GLN A 203 19.82 -1.92 -18.87
N ARG A 204 19.39 -2.15 -20.10
CA ARG A 204 19.98 -3.17 -20.94
C ARG A 204 19.79 -4.56 -20.38
N SER A 205 18.55 -4.94 -20.12
CA SER A 205 18.24 -6.26 -19.59
C SER A 205 16.88 -6.72 -20.13
N GLU A 206 16.56 -7.98 -19.86
CA GLU A 206 15.29 -8.53 -20.32
C GLU A 206 14.13 -7.75 -19.73
N ARG A 207 13.35 -7.11 -20.61
CA ARG A 207 12.23 -6.30 -20.16
C ARG A 207 11.07 -7.15 -19.65
N LYS A 208 11.04 -8.43 -20.00
CA LYS A 208 9.91 -9.27 -19.62
C LYS A 208 9.72 -9.38 -18.11
N LYS A 209 10.76 -9.12 -17.32
CA LYS A 209 10.71 -9.28 -15.88
C LYS A 209 10.56 -7.97 -15.11
N TRP A 210 10.68 -6.82 -15.79
CA TRP A 210 10.52 -5.55 -15.12
C TRP A 210 9.70 -4.54 -15.90
N ILE A 211 9.21 -4.88 -17.10
CA ILE A 211 8.39 -3.94 -17.85
C ILE A 211 7.03 -3.75 -17.17
N HIS A 212 6.56 -4.76 -16.44
CA HIS A 212 5.27 -4.66 -15.77
C HIS A 212 5.26 -3.62 -14.67
N CYS A 213 6.42 -3.13 -14.23
CA CYS A 213 6.46 -2.11 -13.18
C CYS A 213 5.84 -0.80 -13.66
N PHE A 214 5.88 -0.55 -14.98
CA PHE A 214 5.32 0.67 -15.55
C PHE A 214 3.88 0.49 -16.03
N GLU A 215 3.12 -0.41 -15.41
CA GLU A 215 1.75 -0.64 -15.83
C GLU A 215 0.86 0.56 -15.55
N GLY A 216 1.13 1.31 -14.47
CA GLY A 216 0.33 2.44 -14.08
C GLY A 216 0.74 3.76 -14.69
N VAL A 217 1.65 3.76 -15.66
CA VAL A 217 2.06 5.02 -16.27
C VAL A 217 0.91 5.62 -17.07
N THR A 218 1.02 6.92 -17.36
CA THR A 218 -0.01 7.61 -18.11
C THR A 218 0.18 7.42 -19.61
N ALA A 219 1.38 7.66 -20.11
CA ALA A 219 1.67 7.51 -21.53
C ALA A 219 3.14 7.17 -21.70
N ILE A 220 3.45 6.50 -22.81
CA ILE A 220 4.81 6.09 -23.13
C ILE A 220 5.26 6.88 -24.36
N ILE A 221 6.38 7.57 -24.24
CA ILE A 221 6.95 8.35 -25.33
C ILE A 221 7.97 7.48 -26.06
N PHE A 222 7.70 7.19 -27.33
CA PHE A 222 8.58 6.40 -28.16
C PHE A 222 9.33 7.32 -29.12
N CYS A 223 10.65 7.23 -29.12
CA CYS A 223 11.51 8.08 -29.94
C CYS A 223 12.19 7.23 -31.00
N VAL A 224 12.14 7.70 -32.25
CA VAL A 224 12.77 7.01 -33.37
C VAL A 224 13.25 8.05 -34.36
N ALA A 225 14.50 7.93 -34.81
CA ALA A 225 15.09 8.86 -35.75
C ALA A 225 14.76 8.42 -37.18
N LEU A 226 14.16 9.33 -37.95
CA LEU A 226 13.80 8.99 -39.32
C LEU A 226 15.03 8.68 -40.16
N SER A 227 16.18 9.29 -39.85
CA SER A 227 17.39 9.04 -40.61
C SER A 227 17.83 7.58 -40.55
N ASP A 228 17.31 6.80 -39.59
CA ASP A 228 17.68 5.41 -39.46
C ASP A 228 17.22 4.55 -40.63
N TYR A 229 16.42 5.10 -41.55
CA TYR A 229 15.93 4.30 -42.67
C TYR A 229 17.07 3.78 -43.53
N ASP A 230 18.20 4.48 -43.54
CA ASP A 230 19.37 4.09 -44.33
C ASP A 230 20.50 3.53 -43.48
N LEU A 231 20.79 4.14 -42.33
CA LEU A 231 21.86 3.66 -41.47
C LEU A 231 21.40 2.41 -40.71
N VAL A 232 22.37 1.54 -40.42
CA VAL A 232 22.12 0.29 -39.72
C VAL A 232 23.02 0.22 -38.49
N LEU A 233 22.77 -0.78 -37.65
CA LEU A 233 23.55 -0.98 -36.45
C LEU A 233 24.87 -1.67 -36.79
N ALA A 234 25.70 -1.90 -35.77
CA ALA A 234 26.98 -2.57 -35.98
C ALA A 234 26.75 -4.03 -36.38
N GLU A 235 26.09 -4.79 -35.52
CA GLU A 235 25.79 -6.20 -35.78
C GLU A 235 24.39 -6.27 -36.38
N ASP A 236 24.29 -5.99 -37.68
CA ASP A 236 23.02 -5.98 -38.38
C ASP A 236 22.70 -7.31 -39.03
N GLU A 237 23.65 -7.88 -39.76
CA GLU A 237 23.45 -9.13 -40.50
C GLU A 237 22.21 -9.03 -41.39
N GLU A 238 22.26 -8.05 -42.30
CA GLU A 238 21.17 -7.82 -43.26
C GLU A 238 19.87 -7.46 -42.53
N MET A 239 19.97 -6.51 -41.61
CA MET A 239 18.82 -6.02 -40.85
C MET A 239 18.92 -4.52 -40.71
N ASN A 240 17.87 -3.82 -41.10
CA ASN A 240 17.85 -2.36 -41.03
C ASN A 240 17.45 -1.91 -39.64
N ARG A 241 18.06 -0.80 -39.19
CA ARG A 241 17.72 -0.25 -37.88
C ARG A 241 16.25 0.13 -37.80
N MET A 242 15.68 0.60 -38.91
CA MET A 242 14.26 0.95 -38.92
C MET A 242 13.40 -0.27 -38.64
N HIS A 243 13.81 -1.44 -39.16
CA HIS A 243 13.06 -2.66 -38.89
C HIS A 243 13.08 -2.99 -37.41
N GLU A 244 14.26 -2.87 -36.77
CA GLU A 244 14.35 -3.13 -35.34
C GLU A 244 13.51 -2.14 -34.54
N SER A 245 13.53 -0.87 -34.93
CA SER A 245 12.71 0.13 -34.26
C SER A 245 11.23 -0.21 -34.38
N MET A 246 10.80 -0.61 -35.57
CA MET A 246 9.39 -0.96 -35.77
C MET A 246 9.02 -2.20 -34.94
N LYS A 247 9.90 -3.19 -34.90
CA LYS A 247 9.62 -4.38 -34.08
C LYS A 247 9.51 -4.02 -32.62
N LEU A 248 10.41 -3.16 -32.11
CA LEU A 248 10.34 -2.75 -30.72
C LEU A 248 9.06 -1.98 -30.44
N PHE A 249 8.66 -1.10 -31.37
CA PHE A 249 7.42 -0.35 -31.19
C PHE A 249 6.22 -1.28 -31.16
N ASP A 250 6.19 -2.28 -32.05
CA ASP A 250 5.08 -3.23 -32.07
C ASP A 250 5.05 -4.06 -30.79
N SER A 251 6.22 -4.44 -30.27
CA SER A 251 6.26 -5.24 -29.06
C SER A 251 5.82 -4.43 -27.85
N ILE A 252 6.20 -3.15 -27.79
CA ILE A 252 5.82 -2.32 -26.65
C ILE A 252 4.36 -1.90 -26.73
N CYS A 253 3.81 -1.79 -27.95
CA CYS A 253 2.43 -1.35 -28.10
C CYS A 253 1.45 -2.48 -27.79
N ASN A 254 1.72 -3.68 -28.31
CA ASN A 254 0.85 -4.82 -28.11
C ASN A 254 1.14 -5.57 -26.81
N ASN A 255 1.81 -4.94 -25.86
CA ASN A 255 2.09 -5.57 -24.58
C ASN A 255 0.83 -5.64 -23.73
N LYS A 256 0.70 -6.72 -22.97
CA LYS A 256 -0.49 -6.91 -22.14
C LYS A 256 -0.54 -5.96 -20.95
N TRP A 257 0.61 -5.40 -20.54
CA TRP A 257 0.64 -4.47 -19.41
C TRP A 257 0.38 -3.03 -19.81
N PHE A 258 0.36 -2.72 -21.11
CA PHE A 258 0.12 -1.38 -21.61
C PHE A 258 -1.13 -1.35 -22.47
N THR A 259 -2.15 -2.11 -22.09
CA THR A 259 -3.38 -2.16 -22.87
C THR A 259 -4.07 -0.81 -22.91
N ASP A 260 -4.20 -0.15 -21.77
CA ASP A 260 -4.89 1.12 -21.67
C ASP A 260 -3.93 2.30 -21.63
N THR A 261 -2.65 2.08 -21.90
CA THR A 261 -1.65 3.13 -21.89
C THR A 261 -1.45 3.66 -23.31
N SER A 262 -1.56 4.98 -23.46
CA SER A 262 -1.37 5.62 -24.76
C SER A 262 0.11 5.68 -25.11
N ILE A 263 0.38 6.08 -26.35
CA ILE A 263 1.74 6.18 -26.87
C ILE A 263 1.88 7.52 -27.59
N ILE A 264 3.03 8.16 -27.41
CA ILE A 264 3.36 9.42 -28.06
C ILE A 264 4.61 9.19 -28.88
N LEU A 265 4.45 9.10 -30.21
CA LEU A 265 5.57 8.82 -31.10
C LEU A 265 6.16 10.13 -31.61
N PHE A 266 7.45 10.33 -31.36
CA PHE A 266 8.19 11.48 -31.84
C PHE A 266 9.20 11.04 -32.88
N LEU A 267 9.13 11.65 -34.07
CA LEU A 267 10.02 11.32 -35.18
C LEU A 267 11.16 12.34 -35.17
N ASN A 268 12.30 11.95 -34.61
CA ASN A 268 13.44 12.85 -34.49
C ASN A 268 14.22 12.91 -35.81
N LYS A 269 15.20 13.81 -35.84
CA LYS A 269 16.06 14.00 -37.02
C LYS A 269 15.23 14.28 -38.25
N LYS A 270 14.50 15.40 -38.21
CA LYS A 270 13.66 15.79 -39.35
C LYS A 270 14.51 16.35 -40.48
N ASP A 271 15.38 17.32 -40.18
CA ASP A 271 16.20 17.92 -41.23
C ASP A 271 17.18 16.89 -41.81
N LEU A 272 17.78 16.07 -40.96
CA LEU A 272 18.70 15.05 -41.45
C LEU A 272 18.00 14.11 -42.42
N PHE A 273 16.81 13.63 -42.05
CA PHE A 273 16.06 12.75 -42.94
C PHE A 273 15.70 13.46 -44.24
N GLU A 274 15.21 14.71 -44.14
CA GLU A 274 14.86 15.46 -45.34
C GLU A 274 16.07 15.64 -46.25
N GLU A 275 17.27 15.71 -45.69
CA GLU A 275 18.47 15.86 -46.51
C GLU A 275 18.91 14.55 -47.13
N LYS A 276 18.72 13.44 -46.42
CA LYS A 276 19.16 12.14 -46.94
C LYS A 276 18.26 11.65 -48.06
N ILE A 277 16.96 11.90 -47.97
CA ILE A 277 16.03 11.43 -48.98
C ILE A 277 16.31 12.06 -50.34
N LYS A 278 17.10 13.14 -50.37
CA LYS A 278 17.42 13.77 -51.65
C LYS A 278 18.21 12.82 -52.55
N LYS A 279 19.06 11.99 -51.98
CA LYS A 279 19.87 11.03 -52.73
C LYS A 279 19.49 9.59 -52.43
N SER A 280 19.46 9.21 -51.16
CA SER A 280 19.11 7.85 -50.78
C SER A 280 17.60 7.65 -50.83
N PRO A 281 17.07 6.80 -51.70
CA PRO A 281 15.62 6.63 -51.77
C PRO A 281 15.10 5.87 -50.56
N LEU A 282 13.78 5.93 -50.39
CA LEU A 282 13.14 5.27 -49.26
C LEU A 282 12.87 3.78 -49.52
N THR A 283 12.91 3.35 -50.78
CA THR A 283 12.65 1.95 -51.11
C THR A 283 13.75 1.01 -50.61
N ILE A 284 14.85 1.55 -50.07
CA ILE A 284 15.92 0.69 -49.59
C ILE A 284 15.45 -0.17 -48.42
N CYS A 285 14.64 0.40 -47.53
CA CYS A 285 14.12 -0.31 -46.38
C CYS A 285 12.71 -0.87 -46.60
N TYR A 286 11.90 -0.21 -47.43
CA TYR A 286 10.53 -0.62 -47.72
C TYR A 286 10.41 -0.88 -49.21
N PRO A 287 10.74 -2.08 -49.69
CA PRO A 287 10.61 -2.36 -51.12
C PRO A 287 9.20 -2.14 -51.66
N GLU A 288 8.18 -2.32 -50.82
CA GLU A 288 6.80 -2.13 -51.26
C GLU A 288 6.45 -0.65 -51.46
N TYR A 289 7.31 0.26 -51.02
CA TYR A 289 7.03 1.69 -51.18
C TYR A 289 7.19 2.09 -52.65
N ALA A 290 6.16 2.72 -53.21
CA ALA A 290 6.16 3.19 -54.59
C ALA A 290 5.59 4.60 -54.60
N GLY A 291 6.48 5.59 -54.55
CA GLY A 291 6.05 6.98 -54.55
C GLY A 291 7.23 7.90 -54.80
N SER A 292 6.93 9.19 -54.84
CA SER A 292 7.96 10.19 -55.07
C SER A 292 8.87 10.31 -53.86
N ASN A 293 10.17 10.51 -54.12
CA ASN A 293 11.17 10.64 -53.07
C ASN A 293 11.14 12.07 -52.51
N THR A 294 10.03 12.39 -51.84
CA THR A 294 9.81 13.69 -51.23
C THR A 294 9.67 13.53 -49.72
N TYR A 295 9.44 14.66 -49.04
CA TYR A 295 9.32 14.66 -47.59
C TYR A 295 7.89 14.39 -47.13
N GLU A 296 6.91 15.12 -47.68
CA GLU A 296 5.53 14.97 -47.25
C GLU A 296 5.05 13.54 -47.47
N GLU A 297 5.22 13.02 -48.69
CA GLU A 297 4.75 11.66 -48.98
C GLU A 297 5.48 10.64 -48.13
N ALA A 298 6.81 10.72 -48.07
CA ALA A 298 7.57 9.77 -47.27
C ALA A 298 7.24 9.90 -45.78
N ALA A 299 7.06 11.13 -45.32
CA ALA A 299 6.70 11.33 -43.92
C ALA A 299 5.36 10.68 -43.60
N ALA A 300 4.37 10.90 -44.45
CA ALA A 300 3.05 10.30 -44.23
C ALA A 300 3.13 8.78 -44.31
N TYR A 301 3.95 8.24 -45.23
CA TYR A 301 4.08 6.80 -45.34
C TYR A 301 4.70 6.21 -44.08
N ILE A 302 5.74 6.86 -43.55
CA ILE A 302 6.37 6.38 -42.32
C ILE A 302 5.39 6.47 -41.16
N GLN A 303 4.62 7.57 -41.10
CA GLN A 303 3.62 7.71 -40.06
C GLN A 303 2.61 6.57 -40.11
N CYS A 304 2.11 6.27 -41.30
CA CYS A 304 1.14 5.18 -41.45
C CYS A 304 1.77 3.85 -41.04
N GLN A 305 2.99 3.57 -41.51
CA GLN A 305 3.63 2.31 -41.18
C GLN A 305 3.82 2.16 -39.67
N PHE A 306 4.19 3.24 -38.99
CA PHE A 306 4.34 3.17 -37.54
C PHE A 306 2.99 3.03 -36.84
N GLU A 307 1.93 3.62 -37.40
CA GLU A 307 0.61 3.49 -36.80
C GLU A 307 -0.05 2.17 -37.13
N ASP A 308 0.28 1.57 -38.28
CA ASP A 308 -0.32 0.30 -38.65
C ASP A 308 0.04 -0.81 -37.66
N LEU A 309 1.19 -0.67 -36.98
CA LEU A 309 1.60 -1.68 -36.01
C LEU A 309 0.61 -1.80 -34.86
N ASN A 310 -0.21 -0.78 -34.62
CA ASN A 310 -1.19 -0.81 -33.54
C ASN A 310 -2.35 -1.72 -33.92
N LYS A 311 -2.74 -2.58 -32.99
CA LYS A 311 -3.86 -3.49 -33.18
C LYS A 311 -5.12 -3.05 -32.44
N ARG A 312 -4.96 -2.48 -31.24
CA ARG A 312 -6.10 -2.03 -30.44
C ARG A 312 -6.50 -0.63 -30.90
N LYS A 313 -7.06 -0.58 -32.11
CA LYS A 313 -7.48 0.70 -32.68
C LYS A 313 -8.50 1.42 -31.80
N ASP A 314 -9.26 0.66 -31.01
CA ASP A 314 -10.29 1.25 -30.16
C ASP A 314 -9.73 1.71 -28.81
N THR A 315 -8.84 0.93 -28.22
CA THR A 315 -8.29 1.27 -26.90
C THR A 315 -7.07 2.17 -26.99
N LYS A 316 -6.21 1.94 -27.98
CA LYS A 316 -4.99 2.72 -28.11
C LYS A 316 -5.25 4.02 -28.86
N GLU A 317 -4.33 4.97 -28.69
CA GLU A 317 -4.40 6.25 -29.38
C GLU A 317 -2.98 6.79 -29.49
N ILE A 318 -2.42 6.72 -30.69
CA ILE A 318 -1.04 7.13 -30.93
C ILE A 318 -1.02 8.61 -31.29
N TYR A 319 -0.22 9.38 -30.55
CA TYR A 319 -0.05 10.82 -30.81
C TYR A 319 1.29 11.00 -31.49
N THR A 320 1.26 11.21 -32.80
CA THR A 320 2.47 11.35 -33.60
C THR A 320 2.81 12.81 -33.80
N HIS A 321 4.10 13.12 -33.85
CA HIS A 321 4.56 14.49 -34.02
C HIS A 321 5.99 14.47 -34.52
N PHE A 322 6.32 15.43 -35.38
CA PHE A 322 7.66 15.57 -35.94
C PHE A 322 8.47 16.53 -35.08
N THR A 323 9.53 16.03 -34.47
CA THR A 323 10.37 16.86 -33.61
C THR A 323 10.93 18.05 -34.39
N CYS A 324 10.85 19.23 -33.79
CA CYS A 324 11.35 20.45 -34.39
C CYS A 324 12.66 20.88 -33.74
N SER A 325 13.42 21.70 -34.46
CA SER A 325 14.69 22.18 -33.94
C SER A 325 14.49 23.21 -32.84
N THR A 326 13.58 24.16 -33.05
CA THR A 326 13.32 25.18 -32.05
C THR A 326 12.59 24.59 -30.85
N ASP A 327 12.83 25.19 -29.68
CA ASP A 327 12.22 24.73 -28.46
C ASP A 327 10.83 25.31 -28.25
N THR A 328 10.24 24.95 -27.11
CA THR A 328 8.91 25.40 -26.72
C THR A 328 7.83 24.88 -27.66
N LYS A 329 8.14 23.87 -28.47
CA LYS A 329 7.19 23.27 -29.40
C LYS A 329 6.84 21.84 -29.03
N ASN A 330 7.84 21.00 -28.76
CA ASN A 330 7.57 19.62 -28.37
C ASN A 330 6.91 19.55 -27.00
N VAL A 331 7.29 20.46 -26.10
CA VAL A 331 6.70 20.47 -24.76
C VAL A 331 5.22 20.77 -24.84
N GLN A 332 4.82 21.67 -25.76
CA GLN A 332 3.41 21.99 -25.91
C GLN A 332 2.63 20.78 -26.42
N PHE A 333 3.17 20.06 -27.39
CA PHE A 333 2.49 18.87 -27.88
C PHE A 333 2.40 17.81 -26.80
N VAL A 334 3.45 17.65 -26.00
CA VAL A 334 3.40 16.68 -24.90
C VAL A 334 2.33 17.07 -23.89
N PHE A 335 2.24 18.36 -23.57
CA PHE A 335 1.21 18.82 -22.65
C PHE A 335 -0.19 18.55 -23.20
N ASP A 336 -0.40 18.85 -24.49
CA ASP A 336 -1.71 18.61 -25.10
C ASP A 336 -2.06 17.12 -25.10
N ALA A 337 -1.09 16.27 -25.43
CA ALA A 337 -1.34 14.84 -25.44
C ALA A 337 -1.65 14.32 -24.05
N VAL A 338 -0.91 14.80 -23.04
CA VAL A 338 -1.17 14.38 -21.67
C VAL A 338 -2.56 14.83 -21.22
N THR A 339 -2.96 16.05 -21.58
CA THR A 339 -4.29 16.52 -21.23
C THR A 339 -5.36 15.68 -21.89
N ASP A 340 -5.19 15.36 -23.17
CA ASP A 340 -6.18 14.54 -23.87
C ASP A 340 -6.26 13.15 -23.26
N VAL A 341 -5.12 12.55 -22.92
CA VAL A 341 -5.11 11.22 -22.31
C VAL A 341 -5.79 11.26 -20.95
N ILE A 342 -5.54 12.30 -20.16
CA ILE A 342 -6.17 12.42 -18.86
C ILE A 342 -7.68 12.55 -19.01
N ILE A 343 -8.12 13.36 -19.98
CA ILE A 343 -9.56 13.52 -20.22
C ILE A 343 -10.18 12.19 -20.59
N LYS A 344 -9.55 11.47 -21.52
CA LYS A 344 -10.09 10.18 -21.95
C LYS A 344 -10.13 9.18 -20.80
N ASN A 345 -9.09 9.16 -19.97
CA ASN A 345 -9.07 8.23 -18.84
C ASN A 345 -10.16 8.56 -17.83
N ASN A 346 -10.33 9.84 -17.50
CA ASN A 346 -11.38 10.21 -16.56
C ASN A 346 -12.77 9.93 -17.12
N LEU A 347 -12.94 10.06 -18.43
CA LEU A 347 -14.25 9.77 -19.03
C LEU A 347 -14.51 8.28 -19.06
N LYS A 348 -13.48 7.47 -19.30
CA LYS A 348 -13.66 6.02 -19.28
C LYS A 348 -13.93 5.52 -17.88
N ASP A 349 -13.28 6.12 -16.88
CA ASP A 349 -13.47 5.67 -15.50
C ASP A 349 -14.93 5.84 -15.07
N CYS A 350 -15.62 6.85 -15.61
CA CYS A 350 -17.02 7.09 -15.26
C CYS A 350 -17.99 6.29 -16.11
N GLY A 351 -17.54 5.76 -17.25
CA GLY A 351 -18.37 4.96 -18.12
C GLY A 351 -18.91 5.70 -19.33
N LEU A 352 -18.50 6.95 -19.55
CA LEU A 352 -18.98 7.74 -20.67
C LEU A 352 -18.09 7.66 -21.90
N PHE A 353 -17.03 6.85 -21.85
CA PHE A 353 -16.12 6.74 -22.98
C PHE A 353 -15.55 5.32 -23.08
N SER B 7 43.29 -24.26 -27.50
CA SER B 7 43.58 -24.82 -28.86
C SER B 7 42.52 -24.37 -29.85
N GLU B 8 41.31 -24.91 -29.71
CA GLU B 8 40.21 -24.57 -30.59
C GLU B 8 38.89 -24.76 -29.84
N LEU B 9 37.85 -24.09 -30.33
CA LEU B 9 36.55 -24.17 -29.68
C LEU B 9 35.89 -25.52 -29.89
N ASP B 10 36.22 -26.21 -30.98
CA ASP B 10 35.61 -27.51 -31.25
C ASP B 10 35.91 -28.50 -30.13
N GLN B 11 37.18 -28.61 -29.74
CA GLN B 11 37.55 -29.55 -28.69
C GLN B 11 36.93 -29.15 -27.36
N LEU B 12 36.87 -27.86 -27.06
CA LEU B 12 36.26 -27.41 -25.81
C LEU B 12 34.78 -27.78 -25.76
N ARG B 13 34.06 -27.54 -26.86
CA ARG B 13 32.64 -27.88 -26.90
C ARG B 13 32.44 -29.39 -26.82
N GLN B 14 33.32 -30.16 -27.47
CA GLN B 14 33.21 -31.62 -27.39
C GLN B 14 33.42 -32.10 -25.96
N GLU B 15 34.40 -31.54 -25.26
CA GLU B 15 34.64 -31.91 -23.88
C GLU B 15 33.46 -31.50 -23.00
N ALA B 16 32.89 -30.33 -23.25
CA ALA B 16 31.72 -29.90 -22.48
C ALA B 16 30.55 -30.85 -22.69
N GLU B 17 30.31 -31.25 -23.93
CA GLU B 17 29.22 -32.19 -24.21
C GLU B 17 29.48 -33.54 -23.56
N GLN B 18 30.72 -34.01 -23.59
CA GLN B 18 31.05 -35.28 -22.93
C GLN B 18 30.83 -35.18 -21.43
N LEU B 19 31.22 -34.06 -20.81
CA LEU B 19 31.00 -33.89 -19.38
C LEU B 19 29.52 -33.83 -19.05
N LYS B 20 28.72 -33.15 -19.90
CA LYS B 20 27.28 -33.11 -19.67
C LYS B 20 26.67 -34.51 -19.78
N ASN B 21 27.10 -35.29 -20.77
CA ASN B 21 26.60 -36.66 -20.90
C ASN B 21 26.99 -37.51 -19.68
N GLN B 22 28.23 -37.34 -19.19
CA GLN B 22 28.65 -38.09 -18.02
C GLN B 22 27.83 -37.70 -16.80
N ILE B 23 27.57 -36.41 -16.62
CA ILE B 23 26.76 -35.96 -15.48
C ILE B 23 25.34 -36.51 -15.58
N ARG B 24 24.78 -36.52 -16.79
CA ARG B 24 23.43 -37.05 -16.96
C ARG B 24 23.39 -38.54 -16.66
N ASP B 25 24.39 -39.29 -17.14
CA ASP B 25 24.45 -40.72 -16.85
C ASP B 25 24.59 -40.97 -15.36
N ALA B 26 25.41 -40.16 -14.67
CA ALA B 26 25.57 -40.32 -13.22
C ALA B 26 24.28 -40.04 -12.49
N ARG B 27 23.57 -38.97 -12.89
CA ARG B 27 22.29 -38.65 -12.25
C ARG B 27 21.26 -39.75 -12.51
N LYS B 28 21.28 -40.34 -13.70
CA LYS B 28 20.35 -41.42 -14.00
C LYS B 28 20.67 -42.66 -13.17
N ALA B 29 21.95 -43.00 -13.04
CA ALA B 29 22.33 -44.17 -12.26
C ALA B 29 22.03 -43.97 -10.78
N CYS B 30 22.20 -42.73 -10.29
CA CYS B 30 21.92 -42.45 -8.89
C CYS B 30 20.44 -42.51 -8.56
N ALA B 31 19.57 -42.43 -9.56
CA ALA B 31 18.12 -42.46 -9.35
C ALA B 31 17.71 -43.90 -9.06
N ASP B 32 17.78 -44.27 -7.78
CA ASP B 32 17.40 -45.62 -7.37
C ASP B 32 15.89 -45.73 -7.22
N ALA B 33 15.29 -44.88 -6.39
CA ALA B 33 13.86 -44.88 -6.16
C ALA B 33 13.36 -43.44 -6.14
N THR B 34 12.04 -43.29 -6.28
CA THR B 34 11.40 -42.00 -6.29
C THR B 34 10.81 -41.68 -4.92
N LEU B 35 10.40 -40.42 -4.75
CA LEU B 35 9.84 -39.97 -3.49
C LEU B 35 8.34 -40.23 -3.39
N SER B 36 7.62 -40.14 -4.50
CA SER B 36 6.17 -40.36 -4.46
C SER B 36 5.84 -41.80 -4.09
N GLN B 37 6.57 -42.76 -4.66
CA GLN B 37 6.29 -44.16 -4.39
C GLN B 37 6.56 -44.52 -2.94
N ILE B 38 7.53 -43.86 -2.31
CA ILE B 38 7.86 -44.17 -0.91
C ILE B 38 6.90 -43.45 0.03
N THR B 39 6.60 -42.18 -0.25
CA THR B 39 5.70 -41.40 0.60
C THR B 39 4.25 -41.84 0.47
N ASN B 40 3.94 -42.78 -0.43
CA ASN B 40 2.56 -43.24 -0.57
C ASN B 40 2.04 -43.87 0.71
N ASN B 41 2.93 -44.41 1.55
CA ASN B 41 2.54 -45.05 2.80
C ASN B 41 2.28 -44.05 3.92
N ILE B 42 2.42 -42.75 3.66
CA ILE B 42 2.19 -41.72 4.65
C ILE B 42 0.76 -41.21 4.51
N ASP B 43 0.12 -40.92 5.65
CA ASP B 43 -1.25 -40.44 5.63
C ASP B 43 -1.29 -39.02 5.04
N PRO B 44 -2.42 -38.65 4.43
CA PRO B 44 -2.53 -37.31 3.85
C PRO B 44 -2.76 -36.25 4.91
N VAL B 45 -2.32 -35.03 4.59
CA VAL B 45 -2.51 -33.92 5.51
C VAL B 45 -3.95 -33.46 5.58
N GLY B 46 -4.75 -33.75 4.55
CA GLY B 46 -6.14 -33.35 4.53
C GLY B 46 -6.31 -31.88 4.20
N ARG B 47 -7.54 -31.42 4.38
CA ARG B 47 -7.89 -30.04 4.10
C ARG B 47 -7.44 -29.12 5.23
N ILE B 48 -6.86 -27.99 4.87
CA ILE B 48 -6.39 -26.98 5.82
C ILE B 48 -7.16 -25.70 5.55
N GLN B 49 -7.82 -25.17 6.58
CA GLN B 49 -8.65 -23.97 6.47
C GLN B 49 -7.93 -22.83 7.17
N MET B 50 -7.37 -21.91 6.38
CA MET B 50 -6.70 -20.72 6.88
C MET B 50 -7.55 -19.50 6.58
N ARG B 51 -7.70 -18.62 7.57
CA ARG B 51 -8.50 -17.42 7.44
C ARG B 51 -7.64 -16.19 7.69
N THR B 52 -8.12 -15.04 7.21
CA THR B 52 -7.41 -13.77 7.35
C THR B 52 -7.53 -13.29 8.78
N ARG B 53 -6.48 -13.48 9.58
CA ARG B 53 -6.49 -13.03 10.96
C ARG B 53 -6.26 -11.53 11.06
N ARG B 54 -5.41 -10.98 10.19
CA ARG B 54 -5.11 -9.55 10.18
C ARG B 54 -5.15 -9.05 8.75
N THR B 55 -5.46 -7.76 8.61
CA THR B 55 -5.54 -7.10 7.31
C THR B 55 -4.77 -5.80 7.38
N LEU B 56 -3.66 -5.72 6.64
CA LEU B 56 -2.82 -4.53 6.62
C LEU B 56 -3.15 -3.72 5.36
N ARG B 57 -3.57 -2.47 5.56
CA ARG B 57 -3.99 -1.59 4.47
C ARG B 57 -3.25 -0.26 4.54
N GLY B 58 -1.93 -0.34 4.73
CA GLY B 58 -1.13 0.87 4.83
C GLY B 58 -0.58 1.35 3.50
N HIS B 59 0.01 0.44 2.74
CA HIS B 59 0.59 0.80 1.45
C HIS B 59 -0.50 1.31 0.50
N LEU B 60 -0.07 2.10 -0.49
CA LEU B 60 -0.96 2.66 -1.50
C LEU B 60 -0.51 2.29 -2.91
N ALA B 61 0.29 1.25 -3.05
CA ALA B 61 0.78 0.82 -4.37
C ALA B 61 0.98 -0.68 -4.34
N LYS B 62 1.42 -1.22 -5.47
CA LYS B 62 1.62 -2.67 -5.60
C LYS B 62 2.80 -3.11 -4.74
N ILE B 63 2.54 -4.05 -3.84
CA ILE B 63 3.61 -4.64 -3.02
C ILE B 63 4.36 -5.67 -3.85
N TYR B 64 5.67 -5.75 -3.64
CA TYR B 64 6.53 -6.63 -4.42
C TYR B 64 7.41 -7.54 -3.58
N ALA B 65 7.69 -7.20 -2.33
CA ALA B 65 8.59 -8.01 -1.52
C ALA B 65 8.29 -7.79 -0.05
N MET B 66 8.68 -8.78 0.76
CA MET B 66 8.52 -8.72 2.21
C MET B 66 9.42 -9.77 2.83
N HIS B 67 9.63 -9.64 4.14
CA HIS B 67 10.49 -10.57 4.85
C HIS B 67 10.19 -10.49 6.34
N TRP B 68 10.17 -11.64 7.01
CA TRP B 68 9.91 -11.71 8.44
C TRP B 68 11.20 -11.52 9.23
N GLY B 69 11.07 -11.03 10.45
CA GLY B 69 12.20 -10.85 11.33
C GLY B 69 12.45 -12.05 12.22
N THR B 70 13.57 -11.99 12.95
CA THR B 70 13.92 -13.10 13.84
C THR B 70 12.91 -13.25 14.97
N ASP B 71 12.30 -12.16 15.42
CA ASP B 71 11.33 -12.21 16.50
C ASP B 71 10.00 -12.81 16.06
N SER B 72 9.81 -13.07 14.76
CA SER B 72 8.58 -13.64 14.23
C SER B 72 7.37 -12.76 14.48
N ARG B 73 7.58 -11.47 14.72
CA ARG B 73 6.50 -10.52 14.96
C ARG B 73 6.58 -9.31 14.03
N LEU B 74 7.78 -8.85 13.70
CA LEU B 74 7.97 -7.71 12.82
C LEU B 74 8.26 -8.20 11.41
N LEU B 75 7.70 -7.50 10.42
CA LEU B 75 7.90 -7.84 9.02
C LEU B 75 7.98 -6.56 8.20
N VAL B 76 8.94 -6.53 7.28
CA VAL B 76 9.13 -5.37 6.40
C VAL B 76 8.45 -5.66 5.07
N SER B 77 7.99 -4.60 4.42
CA SER B 77 7.30 -4.71 3.14
C SER B 77 7.72 -3.56 2.24
N ALA B 78 7.88 -3.84 0.95
CA ALA B 78 8.27 -2.85 -0.04
C ALA B 78 7.21 -2.76 -1.11
N SER B 79 6.94 -1.53 -1.57
CA SER B 79 5.92 -1.29 -2.58
C SER B 79 6.44 -0.23 -3.55
N GLN B 80 5.75 -0.11 -4.69
CA GLN B 80 6.13 0.85 -5.71
C GLN B 80 5.93 2.30 -5.26
N ASP B 81 5.24 2.52 -4.14
CA ASP B 81 5.05 3.89 -3.66
C ASP B 81 6.36 4.52 -3.20
N GLY B 82 7.38 3.72 -2.93
CA GLY B 82 8.66 4.24 -2.50
C GLY B 82 8.81 4.41 -1.01
N LYS B 83 8.15 3.56 -0.22
CA LYS B 83 8.22 3.64 1.23
C LYS B 83 8.18 2.24 1.82
N LEU B 84 9.03 2.01 2.82
CA LEU B 84 9.05 0.74 3.56
C LEU B 84 8.33 0.92 4.89
N ILE B 85 7.53 -0.07 5.26
CA ILE B 85 6.71 -0.02 6.46
C ILE B 85 7.05 -1.25 7.31
N ILE B 86 7.30 -1.03 8.59
CA ILE B 86 7.55 -2.09 9.55
C ILE B 86 6.27 -2.32 10.34
N TRP B 87 5.66 -3.49 10.18
CA TRP B 87 4.37 -3.80 10.77
C TRP B 87 4.54 -4.67 12.01
N ASP B 88 3.64 -4.48 12.97
CA ASP B 88 3.54 -5.31 14.15
C ASP B 88 2.41 -6.31 13.93
N SER B 89 2.78 -7.58 13.75
CA SER B 89 1.78 -8.59 13.38
C SER B 89 0.69 -8.71 14.43
N TYR B 90 1.04 -8.57 15.71
CA TYR B 90 0.06 -8.75 16.78
C TYR B 90 -0.88 -7.56 16.89
N THR B 91 -0.41 -6.35 16.59
CA THR B 91 -1.21 -5.14 16.73
C THR B 91 -1.40 -4.39 15.42
N THR B 92 -0.79 -4.83 14.33
CA THR B 92 -0.89 -4.18 13.03
C THR B 92 -0.41 -2.73 13.08
N ASN B 93 0.44 -2.40 14.04
CA ASN B 93 0.93 -1.03 14.19
C ASN B 93 2.10 -0.77 13.26
N LYS B 94 2.22 0.48 12.84
CA LYS B 94 3.33 0.92 11.99
C LYS B 94 4.48 1.40 12.88
N VAL B 95 5.60 0.68 12.83
CA VAL B 95 6.73 1.01 13.69
C VAL B 95 7.56 2.13 13.09
N HIS B 96 7.89 2.03 11.79
CA HIS B 96 8.68 3.04 11.12
C HIS B 96 8.25 3.14 9.67
N ALA B 97 8.45 4.33 9.09
CA ALA B 97 8.17 4.58 7.68
C ALA B 97 9.43 5.15 7.05
N ILE B 98 10.06 4.37 6.17
CA ILE B 98 11.32 4.74 5.54
C ILE B 98 11.02 5.25 4.13
N PRO B 99 11.05 6.57 3.89
CA PRO B 99 10.83 7.07 2.53
C PRO B 99 12.03 6.79 1.65
N LEU B 100 11.84 5.97 0.61
CA LEU B 100 12.92 5.59 -0.27
C LEU B 100 13.13 6.64 -1.36
N ARG B 101 14.40 6.85 -1.72
CA ARG B 101 14.71 7.81 -2.77
C ARG B 101 14.29 7.30 -4.14
N SER B 102 14.19 5.98 -4.31
CA SER B 102 13.79 5.35 -5.56
C SER B 102 12.48 4.61 -5.34
N SER B 103 11.44 5.02 -6.05
CA SER B 103 10.12 4.41 -5.91
C SER B 103 9.99 3.09 -6.67
N TRP B 104 11.06 2.61 -7.31
CA TRP B 104 11.03 1.38 -8.09
C TRP B 104 11.53 0.18 -7.30
N VAL B 105 11.36 0.21 -5.97
CA VAL B 105 11.82 -0.89 -5.14
C VAL B 105 10.99 -2.13 -5.43
N MET B 106 11.66 -3.28 -5.55
CA MET B 106 10.98 -4.56 -5.75
C MET B 106 11.58 -5.67 -4.90
N THR B 107 12.49 -5.36 -3.99
CA THR B 107 13.10 -6.36 -3.12
C THR B 107 13.48 -5.71 -1.81
N CYS B 108 13.36 -6.48 -0.73
CA CYS B 108 13.68 -5.98 0.61
C CYS B 108 14.17 -7.14 1.46
N ALA B 109 14.89 -6.79 2.53
CA ALA B 109 15.44 -7.78 3.44
C ALA B 109 15.41 -7.23 4.86
N TYR B 110 15.37 -8.14 5.82
CA TYR B 110 15.35 -7.79 7.24
C TYR B 110 16.47 -8.55 7.94
N ALA B 111 17.45 -7.82 8.46
CA ALA B 111 18.60 -8.46 9.09
C ALA B 111 18.14 -9.35 10.24
N PRO B 112 18.90 -10.41 10.54
CA PRO B 112 18.49 -11.29 11.65
C PRO B 112 18.56 -10.61 13.01
N SER B 113 19.46 -9.63 13.18
CA SER B 113 19.57 -8.92 14.44
C SER B 113 18.51 -7.84 14.61
N GLY B 114 17.80 -7.49 13.54
CA GLY B 114 16.78 -6.46 13.64
C GLY B 114 17.31 -5.06 13.72
N ASN B 115 18.54 -4.83 13.23
CA ASN B 115 19.17 -3.51 13.28
C ASN B 115 19.20 -2.80 11.94
N TYR B 116 19.49 -3.53 10.85
CA TYR B 116 19.59 -2.95 9.52
C TYR B 116 18.61 -3.63 8.58
N VAL B 117 18.17 -2.87 7.57
CA VAL B 117 17.26 -3.37 6.54
C VAL B 117 17.74 -2.85 5.20
N ALA B 118 17.68 -3.72 4.18
CA ALA B 118 18.15 -3.39 2.84
C ALA B 118 17.01 -3.49 1.85
N CYS B 119 17.22 -2.89 0.68
CA CYS B 119 16.22 -2.91 -0.39
C CYS B 119 16.91 -2.56 -1.70
N GLY B 120 16.15 -2.70 -2.78
CA GLY B 120 16.70 -2.40 -4.10
C GLY B 120 15.65 -2.60 -5.16
N GLY B 121 16.06 -2.38 -6.40
CA GLY B 121 15.18 -2.53 -7.54
C GLY B 121 15.82 -2.12 -8.85
N LEU B 122 15.09 -1.34 -9.66
CA LEU B 122 15.64 -0.88 -10.93
C LEU B 122 16.93 -0.10 -10.72
N ASP B 123 17.07 0.58 -9.60
CA ASP B 123 18.29 1.31 -9.29
C ASP B 123 19.36 0.33 -8.85
N ASN B 124 20.51 0.34 -9.53
CA ASN B 124 21.59 -0.58 -9.23
C ASN B 124 22.20 -0.34 -7.85
N ILE B 125 21.84 0.75 -7.18
CA ILE B 125 22.38 1.08 -5.86
C ILE B 125 21.48 0.48 -4.80
N CYS B 126 22.06 -0.28 -3.88
CA CYS B 126 21.31 -0.90 -2.79
C CYS B 126 21.41 0.01 -1.56
N SER B 127 20.27 0.50 -1.09
CA SER B 127 20.23 1.40 0.05
C SER B 127 20.08 0.61 1.34
N ILE B 128 20.94 0.91 2.31
CA ILE B 128 20.91 0.29 3.62
C ILE B 128 20.38 1.30 4.63
N TYR B 129 19.54 0.83 5.54
CA TYR B 129 18.90 1.68 6.53
C TYR B 129 19.06 1.06 7.91
N ASN B 130 19.34 1.92 8.91
CA ASN B 130 19.49 1.49 10.29
C ASN B 130 18.23 1.87 11.07
N LEU B 131 17.70 0.92 11.83
CA LEU B 131 16.46 1.12 12.57
C LEU B 131 16.69 1.48 14.04
N LYS B 132 17.93 1.39 14.53
CA LYS B 132 18.21 1.68 15.93
C LYS B 132 19.20 2.82 16.07
N THR B 133 19.01 3.89 15.31
CA THR B 133 19.87 5.06 15.41
C THR B 133 19.54 5.83 16.68
N ARG B 134 20.56 6.48 17.24
CA ARG B 134 20.36 7.24 18.47
C ARG B 134 19.48 8.45 18.24
N GLU B 135 19.46 8.99 17.02
CA GLU B 135 18.62 10.14 16.71
C GLU B 135 17.14 9.77 16.59
N GLY B 136 16.83 8.49 16.51
CA GLY B 136 15.44 8.06 16.40
C GLY B 136 14.85 8.16 15.01
N ASN B 137 15.61 8.62 14.03
CA ASN B 137 15.13 8.75 12.66
C ASN B 137 15.94 7.82 11.77
N VAL B 138 15.26 7.08 10.89
CA VAL B 138 15.94 6.16 10.00
C VAL B 138 16.68 6.93 8.92
N ARG B 139 17.97 6.65 8.76
CA ARG B 139 18.80 7.31 7.78
C ARG B 139 19.53 6.26 6.95
N VAL B 140 20.02 6.70 5.79
CA VAL B 140 20.75 5.81 4.89
C VAL B 140 22.08 5.46 5.53
N SER B 141 22.29 4.16 5.80
CA SER B 141 23.54 3.71 6.39
C SER B 141 24.67 3.71 5.37
N ARG B 142 24.47 3.01 4.26
CA ARG B 142 25.48 2.93 3.21
C ARG B 142 24.80 2.61 1.89
N GLU B 143 25.34 3.16 0.81
CA GLU B 143 24.82 2.96 -0.53
C GLU B 143 25.79 2.06 -1.30
N LEU B 144 25.38 0.82 -1.55
CA LEU B 144 26.21 -0.16 -2.24
C LEU B 144 25.96 -0.04 -3.73
N ALA B 145 26.93 0.51 -4.46
CA ALA B 145 26.83 0.68 -5.90
C ALA B 145 27.91 -0.14 -6.60
N GLY B 146 27.67 -0.44 -7.86
CA GLY B 146 28.61 -1.22 -8.65
C GLY B 146 27.94 -2.19 -9.61
N HIS B 147 26.66 -2.46 -9.38
CA HIS B 147 25.93 -3.38 -10.23
C HIS B 147 25.49 -2.71 -11.53
N THR B 148 25.28 -3.52 -12.56
CA THR B 148 24.84 -3.05 -13.87
C THR B 148 23.34 -3.24 -14.06
N GLY B 149 22.80 -4.40 -13.70
CA GLY B 149 21.39 -4.67 -13.84
C GLY B 149 20.62 -4.36 -12.58
N TYR B 150 19.30 -4.52 -12.68
CA TYR B 150 18.42 -4.25 -11.55
C TYR B 150 18.55 -5.33 -10.49
N LEU B 151 18.43 -4.91 -9.23
CA LEU B 151 18.48 -5.86 -8.11
C LEU B 151 17.18 -6.62 -8.00
N SER B 152 17.28 -7.95 -8.00
CA SER B 152 16.10 -8.83 -7.94
C SER B 152 15.82 -9.35 -6.54
N CYS B 153 16.85 -9.72 -5.79
CA CYS B 153 16.67 -10.24 -4.44
C CYS B 153 17.91 -9.95 -3.61
N CYS B 154 17.70 -9.78 -2.32
CA CYS B 154 18.79 -9.50 -1.38
C CYS B 154 18.45 -10.10 -0.04
N ARG B 155 19.47 -10.62 0.65
CA ARG B 155 19.30 -11.23 1.96
C ARG B 155 20.54 -10.97 2.80
N PHE B 156 20.33 -10.59 4.06
CA PHE B 156 21.43 -10.31 4.98
C PHE B 156 22.13 -11.62 5.33
N LEU B 157 23.37 -11.78 4.88
CA LEU B 157 24.13 -12.97 5.22
C LEU B 157 24.50 -12.99 6.70
N ASP B 158 24.81 -11.83 7.26
CA ASP B 158 25.17 -11.72 8.67
C ASP B 158 24.90 -10.28 9.12
N ASP B 159 25.35 -9.95 10.32
CA ASP B 159 25.13 -8.61 10.85
C ASP B 159 25.93 -7.55 10.10
N ASN B 160 27.00 -7.93 9.41
CA ASN B 160 27.84 -7.00 8.68
C ASN B 160 28.04 -7.36 7.21
N GLN B 161 27.62 -8.56 6.78
CA GLN B 161 27.76 -8.98 5.40
C GLN B 161 26.38 -9.17 4.79
N ILE B 162 26.28 -8.88 3.49
CA ILE B 162 25.03 -8.98 2.75
C ILE B 162 25.33 -9.43 1.33
N VAL B 163 24.49 -10.31 0.80
CA VAL B 163 24.61 -10.81 -0.56
C VAL B 163 23.34 -10.46 -1.32
N THR B 164 23.51 -10.01 -2.56
CA THR B 164 22.39 -9.60 -3.39
C THR B 164 22.66 -10.00 -4.84
N SER B 165 21.57 -10.17 -5.60
CA SER B 165 21.64 -10.53 -7.00
C SER B 165 21.14 -9.37 -7.85
N SER B 166 21.83 -9.12 -8.96
CA SER B 166 21.52 -8.02 -9.86
C SER B 166 20.88 -8.56 -11.13
N GLY B 167 20.38 -7.63 -11.95
CA GLY B 167 19.79 -8.01 -13.22
C GLY B 167 20.76 -8.72 -14.14
N ASP B 168 22.04 -8.35 -14.07
CA ASP B 168 23.06 -9.01 -14.87
C ASP B 168 23.23 -10.46 -14.42
N THR B 169 24.02 -11.21 -15.18
CA THR B 169 24.26 -12.63 -14.91
C THR B 169 25.41 -12.82 -13.94
N THR B 170 25.36 -12.14 -12.80
CA THR B 170 26.40 -12.23 -11.79
C THR B 170 25.81 -11.93 -10.43
N CYS B 171 26.50 -12.40 -9.38
CA CYS B 171 26.14 -12.14 -8.01
C CYS B 171 27.36 -11.64 -7.25
N ALA B 172 27.11 -10.84 -6.21
CA ALA B 172 28.18 -10.23 -5.44
C ALA B 172 27.84 -10.27 -3.96
N LEU B 173 28.88 -10.34 -3.14
CA LEU B 173 28.76 -10.33 -1.68
C LEU B 173 29.41 -9.05 -1.17
N TRP B 174 28.63 -8.24 -0.46
CA TRP B 174 29.06 -6.93 0.00
C TRP B 174 29.37 -6.96 1.49
N ASP B 175 30.29 -6.10 1.90
CA ASP B 175 30.66 -5.94 3.31
C ASP B 175 30.24 -4.55 3.76
N ILE B 176 29.37 -4.50 4.76
CA ILE B 176 28.85 -3.22 5.24
C ILE B 176 29.97 -2.37 5.83
N GLU B 177 31.03 -3.01 6.34
CA GLU B 177 32.13 -2.27 6.93
C GLU B 177 32.84 -1.43 5.89
N THR B 178 33.24 -2.04 4.77
CA THR B 178 33.96 -1.34 3.71
C THR B 178 33.08 -0.96 2.53
N GLY B 179 32.08 -1.79 2.21
CA GLY B 179 31.21 -1.49 1.09
C GLY B 179 31.78 -1.88 -0.25
N GLN B 180 32.50 -3.00 -0.33
CA GLN B 180 33.09 -3.47 -1.57
C GLN B 180 32.72 -4.93 -1.79
N GLN B 181 32.74 -5.35 -3.06
CA GLN B 181 32.41 -6.71 -3.42
C GLN B 181 33.51 -7.65 -2.95
N THR B 182 33.23 -8.42 -1.88
CA THR B 182 34.21 -9.37 -1.39
C THR B 182 34.39 -10.54 -2.34
N THR B 183 33.29 -11.01 -2.92
CA THR B 183 33.32 -12.12 -3.87
C THR B 183 32.28 -11.88 -4.95
N THR B 184 32.65 -12.09 -6.21
CA THR B 184 31.77 -11.89 -7.35
C THR B 184 31.59 -13.22 -8.07
N PHE B 185 30.35 -13.69 -8.13
CA PHE B 185 30.02 -14.94 -8.79
C PHE B 185 29.61 -14.67 -10.24
N THR B 186 30.16 -15.45 -11.16
CA THR B 186 29.93 -15.26 -12.59
C THR B 186 29.62 -16.61 -13.24
N GLY B 187 28.74 -17.40 -12.63
CA GLY B 187 28.38 -18.70 -13.17
C GLY B 187 27.06 -18.69 -13.92
N HIS B 188 26.16 -17.78 -13.56
CA HIS B 188 24.86 -17.73 -14.21
C HIS B 188 25.00 -17.22 -15.64
N THR B 189 24.08 -17.67 -16.49
CA THR B 189 24.04 -17.26 -17.90
C THR B 189 22.77 -16.49 -18.23
N GLY B 190 21.99 -16.09 -17.23
CA GLY B 190 20.77 -15.34 -17.46
C GLY B 190 20.48 -14.43 -16.28
N ASP B 191 19.41 -13.65 -16.43
CA ASP B 191 19.02 -12.70 -15.39
C ASP B 191 18.66 -13.44 -14.12
N VAL B 192 19.33 -13.09 -13.02
CA VAL B 192 19.05 -13.70 -11.73
C VAL B 192 17.81 -13.06 -11.13
N MET B 193 16.87 -13.89 -10.70
CA MET B 193 15.60 -13.42 -10.16
C MET B 193 15.36 -13.81 -8.71
N SER B 194 15.90 -14.93 -8.25
CA SER B 194 15.67 -15.43 -6.90
C SER B 194 16.99 -15.63 -6.18
N LEU B 195 16.93 -15.66 -4.86
CA LEU B 195 18.11 -15.85 -4.02
C LEU B 195 17.64 -16.23 -2.62
N SER B 196 18.24 -17.29 -2.08
CA SER B 196 17.87 -17.78 -0.76
C SER B 196 19.11 -18.32 -0.06
N LEU B 197 19.21 -18.04 1.24
CA LEU B 197 20.33 -18.50 2.05
C LEU B 197 20.00 -19.84 2.70
N ALA B 198 21.04 -20.61 2.99
CA ALA B 198 20.87 -21.91 3.64
C ALA B 198 20.82 -21.74 5.15
N PRO B 199 20.30 -22.76 5.86
CA PRO B 199 20.23 -22.64 7.33
C PRO B 199 21.60 -22.45 7.98
N ASP B 200 22.66 -23.05 7.42
CA ASP B 200 23.99 -22.94 8.00
C ASP B 200 24.69 -21.64 7.66
N THR B 201 24.14 -20.85 6.74
CA THR B 201 24.67 -19.56 6.31
C THR B 201 25.93 -19.70 5.45
N ARG B 202 26.41 -20.92 5.21
CA ARG B 202 27.60 -21.14 4.40
C ARG B 202 27.29 -21.34 2.93
N LEU B 203 26.06 -21.72 2.59
CA LEU B 203 25.66 -21.96 1.22
C LEU B 203 24.39 -21.17 0.91
N PHE B 204 24.17 -20.92 -0.38
CA PHE B 204 22.99 -20.20 -0.83
C PHE B 204 22.71 -20.58 -2.27
N VAL B 205 21.42 -20.64 -2.61
CA VAL B 205 20.97 -21.00 -3.95
C VAL B 205 20.34 -19.78 -4.60
N SER B 206 20.40 -19.74 -5.94
CA SER B 206 19.85 -18.63 -6.71
C SER B 206 19.34 -19.16 -8.03
N GLY B 207 18.20 -18.62 -8.47
CA GLY B 207 17.59 -18.97 -9.74
C GLY B 207 17.64 -17.81 -10.70
N ALA B 208 17.76 -18.12 -11.99
CA ALA B 208 17.85 -17.13 -13.04
C ALA B 208 16.91 -17.51 -14.18
N CYS B 209 16.84 -16.65 -15.19
CA CYS B 209 15.98 -16.88 -16.35
C CYS B 209 16.56 -17.91 -17.33
N ASP B 210 17.72 -18.49 -17.02
CA ASP B 210 18.33 -19.50 -17.88
C ASP B 210 17.78 -20.90 -17.61
N ALA B 211 16.68 -21.02 -16.87
CA ALA B 211 16.05 -22.31 -16.61
C ALA B 211 17.01 -23.27 -15.90
N SER B 212 17.62 -22.78 -14.81
CA SER B 212 18.54 -23.59 -14.04
C SER B 212 18.76 -22.95 -12.68
N ALA B 213 19.12 -23.78 -11.71
CA ALA B 213 19.43 -23.34 -10.36
C ALA B 213 20.78 -23.89 -9.96
N LYS B 214 21.64 -23.03 -9.43
CA LYS B 214 23.01 -23.40 -9.09
C LYS B 214 23.28 -23.12 -7.61
N LEU B 215 24.06 -24.00 -7.00
CA LEU B 215 24.44 -23.87 -5.59
C LEU B 215 25.81 -23.21 -5.52
N TRP B 216 25.95 -22.22 -4.64
CA TRP B 216 27.18 -21.47 -4.48
C TRP B 216 27.71 -21.62 -3.06
N ASP B 217 29.02 -21.39 -2.91
CA ASP B 217 29.69 -21.46 -1.61
C ASP B 217 30.22 -20.09 -1.26
N VAL B 218 29.96 -19.66 -0.02
CA VAL B 218 30.40 -18.33 0.41
C VAL B 218 31.91 -18.31 0.58
N ARG B 219 32.45 -19.25 1.37
CA ARG B 219 33.89 -19.26 1.62
C ARG B 219 34.65 -19.66 0.35
N GLU B 220 34.23 -20.74 -0.30
CA GLU B 220 34.93 -21.19 -1.50
C GLU B 220 34.71 -20.24 -2.67
N GLY B 221 33.55 -19.59 -2.74
CA GLY B 221 33.28 -18.66 -3.82
C GLY B 221 33.18 -19.31 -5.18
N MET B 222 32.66 -20.54 -5.24
CA MET B 222 32.53 -21.25 -6.50
C MET B 222 31.20 -21.99 -6.51
N CYS B 223 30.79 -22.40 -7.72
CA CYS B 223 29.53 -23.12 -7.89
C CYS B 223 29.71 -24.57 -7.45
N ARG B 224 28.88 -25.01 -6.50
CA ARG B 224 28.94 -26.37 -5.99
C ARG B 224 28.13 -27.34 -6.85
N GLN B 225 26.92 -26.95 -7.24
CA GLN B 225 26.06 -27.82 -8.04
C GLN B 225 25.24 -26.97 -8.99
N THR B 226 24.68 -27.61 -10.01
CA THR B 226 23.84 -26.94 -10.99
C THR B 226 22.68 -27.87 -11.36
N PHE B 227 21.47 -27.32 -11.34
CA PHE B 227 20.27 -28.07 -11.68
C PHE B 227 19.64 -27.48 -12.93
N THR B 228 19.08 -28.35 -13.78
CA THR B 228 18.46 -27.93 -15.03
C THR B 228 17.13 -28.66 -15.23
N GLY B 229 16.34 -28.75 -14.16
CA GLY B 229 15.05 -29.42 -14.24
C GLY B 229 13.92 -28.57 -14.79
N HIS B 230 14.06 -27.25 -14.72
CA HIS B 230 13.02 -26.35 -15.20
C HIS B 230 13.21 -26.06 -16.69
N GLU B 231 12.09 -25.72 -17.33
CA GLU B 231 12.07 -25.38 -18.75
C GLU B 231 11.82 -23.90 -19.01
N SER B 232 11.57 -23.11 -17.96
CA SER B 232 11.30 -21.69 -18.10
C SER B 232 12.09 -20.95 -17.02
N ASP B 233 11.82 -19.65 -16.90
CA ASP B 233 12.53 -18.83 -15.93
C ASP B 233 12.09 -19.17 -14.51
N ILE B 234 13.03 -19.05 -13.57
CA ILE B 234 12.76 -19.28 -12.17
C ILE B 234 12.47 -17.95 -11.50
N ASN B 235 11.32 -17.86 -10.82
CA ASN B 235 10.88 -16.63 -10.20
C ASN B 235 11.19 -16.55 -8.71
N ALA B 236 11.27 -17.69 -8.02
CA ALA B 236 11.52 -17.70 -6.59
C ALA B 236 12.24 -18.99 -6.21
N ILE B 237 12.82 -18.97 -5.01
CA ILE B 237 13.55 -20.12 -4.49
C ILE B 237 13.56 -20.03 -2.97
N CYS B 238 13.40 -21.18 -2.32
CA CYS B 238 13.37 -21.26 -0.87
C CYS B 238 14.11 -22.50 -0.42
N PHE B 239 14.90 -22.35 0.66
CA PHE B 239 15.69 -23.46 1.18
C PHE B 239 14.86 -24.27 2.16
N PHE B 240 14.97 -25.59 2.05
CA PHE B 240 14.25 -26.48 2.96
C PHE B 240 14.78 -26.30 4.37
N PRO B 241 13.91 -26.37 5.39
CA PRO B 241 14.39 -26.14 6.77
C PRO B 241 15.56 -27.03 7.17
N ASN B 242 15.63 -28.26 6.64
CA ASN B 242 16.74 -29.14 6.98
C ASN B 242 18.04 -28.73 6.29
N GLY B 243 17.96 -27.90 5.25
CA GLY B 243 19.13 -27.45 4.54
C GLY B 243 19.65 -28.39 3.48
N ASN B 244 18.94 -29.49 3.21
CA ASN B 244 19.35 -30.45 2.20
C ASN B 244 18.49 -30.42 0.94
N ALA B 245 17.48 -29.55 0.90
CA ALA B 245 16.61 -29.45 -0.26
C ALA B 245 16.17 -28.01 -0.43
N PHE B 246 15.54 -27.72 -1.57
CA PHE B 246 15.03 -26.39 -1.86
C PHE B 246 14.07 -26.47 -3.04
N ALA B 247 13.00 -25.69 -2.97
CA ALA B 247 12.02 -25.62 -4.04
C ALA B 247 12.23 -24.37 -4.88
N THR B 248 11.67 -24.39 -6.09
CA THR B 248 11.81 -23.29 -7.03
C THR B 248 10.48 -23.08 -7.75
N GLY B 249 10.17 -21.81 -8.02
CA GLY B 249 8.97 -21.44 -8.76
C GLY B 249 9.35 -20.88 -10.12
N SER B 250 8.57 -21.27 -11.13
CA SER B 250 8.83 -20.88 -12.51
C SER B 250 7.52 -20.51 -13.18
N ASP B 251 7.62 -20.04 -14.43
CA ASP B 251 6.45 -19.64 -15.18
C ASP B 251 5.71 -20.80 -15.82
N ASP B 252 6.35 -21.97 -15.93
CA ASP B 252 5.70 -23.13 -16.54
C ASP B 252 4.64 -23.76 -15.65
N ALA B 253 4.40 -23.22 -14.46
CA ALA B 253 3.36 -23.72 -13.56
C ALA B 253 3.63 -25.15 -13.11
N THR B 254 4.91 -25.52 -13.00
CA THR B 254 5.31 -26.86 -12.56
C THR B 254 6.49 -26.70 -11.60
N CYS B 255 6.18 -26.62 -10.30
CA CYS B 255 7.23 -26.53 -9.31
C CYS B 255 8.06 -27.81 -9.30
N ARG B 256 9.32 -27.67 -8.86
CA ARG B 256 10.25 -28.79 -8.83
C ARG B 256 11.08 -28.71 -7.57
N LEU B 257 11.14 -29.80 -6.82
CA LEU B 257 11.94 -29.90 -5.61
C LEU B 257 13.26 -30.56 -5.92
N PHE B 258 14.35 -30.00 -5.37
CA PHE B 258 15.69 -30.50 -5.60
C PHE B 258 16.37 -30.77 -4.26
N ASP B 259 17.41 -31.61 -4.33
CA ASP B 259 18.19 -31.98 -3.15
C ASP B 259 19.67 -31.76 -3.45
N LEU B 260 20.40 -31.27 -2.44
CA LEU B 260 21.82 -31.00 -2.61
C LEU B 260 22.66 -32.27 -2.62
N ARG B 261 22.18 -33.35 -2.00
CA ARG B 261 22.93 -34.60 -1.96
C ARG B 261 22.60 -35.52 -3.14
N ALA B 262 21.35 -35.49 -3.62
CA ALA B 262 20.99 -36.31 -4.77
C ALA B 262 21.39 -35.67 -6.09
N ASP B 263 21.43 -34.33 -6.14
CA ASP B 263 21.83 -33.60 -7.34
C ASP B 263 20.87 -33.87 -8.49
N GLN B 264 19.57 -33.75 -8.22
CA GLN B 264 18.54 -33.93 -9.21
C GLN B 264 17.21 -33.49 -8.60
N GLU B 265 16.15 -33.55 -9.40
CA GLU B 265 14.81 -33.19 -8.96
C GLU B 265 14.14 -34.40 -8.34
N LEU B 266 13.58 -34.21 -7.14
CA LEU B 266 12.90 -35.31 -6.46
C LEU B 266 11.55 -35.58 -7.10
N MET B 267 10.67 -34.57 -7.11
CA MET B 267 9.35 -34.70 -7.71
C MET B 267 8.89 -33.33 -8.18
N THR B 268 7.65 -33.25 -8.66
CA THR B 268 7.08 -32.03 -9.18
C THR B 268 5.69 -31.81 -8.62
N TYR B 269 5.27 -30.55 -8.60
CA TYR B 269 3.94 -30.16 -8.14
C TYR B 269 3.27 -29.36 -9.24
N SER B 270 2.16 -29.87 -9.77
CA SER B 270 1.45 -29.22 -10.85
C SER B 270 0.04 -29.77 -10.93
N HIS B 271 -0.83 -29.02 -11.59
CA HIS B 271 -2.21 -29.43 -11.79
C HIS B 271 -2.68 -28.94 -13.16
N ASP B 272 -3.72 -29.61 -13.68
CA ASP B 272 -4.21 -29.27 -15.00
C ASP B 272 -4.74 -27.84 -15.04
N ASN B 273 -5.65 -27.51 -14.12
CA ASN B 273 -6.24 -26.17 -14.12
C ASN B 273 -5.23 -25.09 -13.78
N ILE B 274 -4.10 -25.44 -13.18
CA ILE B 274 -3.07 -24.47 -12.81
C ILE B 274 -2.19 -24.24 -14.03
N ILE B 275 -2.42 -23.14 -14.74
CA ILE B 275 -1.66 -22.78 -15.93
C ILE B 275 -0.86 -21.50 -15.74
N CYS B 276 -0.97 -20.84 -14.60
CA CYS B 276 -0.26 -19.61 -14.35
C CYS B 276 1.06 -19.89 -13.62
N GLY B 277 1.99 -18.93 -13.75
CA GLY B 277 3.30 -19.09 -13.17
C GLY B 277 3.32 -18.85 -11.67
N ILE B 278 4.45 -19.19 -11.06
CA ILE B 278 4.65 -19.05 -9.63
C ILE B 278 5.44 -17.77 -9.37
N THR B 279 5.09 -17.06 -8.30
CA THR B 279 5.74 -15.81 -7.92
C THR B 279 6.59 -15.94 -6.66
N SER B 280 6.16 -16.75 -5.70
CA SER B 280 6.89 -16.91 -4.45
C SER B 280 6.63 -18.31 -3.90
N VAL B 281 7.61 -18.83 -3.16
CA VAL B 281 7.52 -20.15 -2.55
C VAL B 281 8.14 -20.08 -1.17
N SER B 282 7.58 -20.84 -0.23
CA SER B 282 8.09 -20.87 1.13
C SER B 282 7.72 -22.20 1.77
N PHE B 283 8.54 -22.62 2.73
CA PHE B 283 8.33 -23.86 3.47
C PHE B 283 7.91 -23.55 4.90
N SER B 284 7.11 -24.45 5.47
CA SER B 284 6.70 -24.32 6.86
C SER B 284 7.87 -24.62 7.78
N LYS B 285 7.64 -24.48 9.09
CA LYS B 285 8.70 -24.76 10.05
C LYS B 285 9.16 -26.22 9.96
N SER B 286 8.22 -27.13 9.72
CA SER B 286 8.55 -28.55 9.59
C SER B 286 8.84 -28.96 8.15
N GLY B 287 8.44 -28.15 7.17
CA GLY B 287 8.68 -28.46 5.78
C GLY B 287 7.66 -29.38 5.15
N ARG B 288 6.63 -29.81 5.89
CA ARG B 288 5.64 -30.71 5.33
C ARG B 288 4.73 -29.99 4.33
N LEU B 289 4.52 -28.70 4.52
CA LEU B 289 3.66 -27.90 3.65
C LEU B 289 4.52 -26.95 2.82
N LEU B 290 4.24 -26.90 1.52
CA LEU B 290 4.94 -26.03 0.59
C LEU B 290 3.93 -25.03 0.01
N LEU B 291 3.91 -23.82 0.55
CA LEU B 291 3.02 -22.78 0.09
C LEU B 291 3.66 -22.00 -1.04
N ALA B 292 2.94 -21.83 -2.14
CA ALA B 292 3.45 -21.12 -3.31
C ALA B 292 2.38 -20.17 -3.83
N GLY B 293 2.77 -18.93 -4.10
CA GLY B 293 1.88 -17.93 -4.65
C GLY B 293 2.00 -17.86 -6.16
N TYR B 294 0.86 -17.90 -6.83
CA TYR B 294 0.80 -17.89 -8.28
C TYR B 294 0.42 -16.49 -8.78
N ASP B 295 0.48 -16.32 -10.10
CA ASP B 295 0.04 -15.08 -10.71
C ASP B 295 -1.46 -14.85 -10.54
N ASP B 296 -2.23 -15.92 -10.37
CA ASP B 296 -3.67 -15.80 -10.17
C ASP B 296 -3.94 -15.11 -8.83
N PHE B 297 -5.23 -14.84 -8.57
CA PHE B 297 -5.66 -14.18 -7.36
C PHE B 297 -5.78 -15.13 -6.17
N ASN B 298 -5.20 -16.32 -6.26
CA ASN B 298 -5.30 -17.32 -5.19
C ASN B 298 -3.94 -17.95 -4.95
N CYS B 299 -3.74 -18.42 -3.72
CA CYS B 299 -2.51 -19.10 -3.32
C CYS B 299 -2.87 -20.51 -2.84
N ASN B 300 -2.14 -21.50 -3.34
CA ASN B 300 -2.38 -22.90 -3.04
C ASN B 300 -1.30 -23.44 -2.10
N VAL B 301 -1.68 -24.48 -1.36
CA VAL B 301 -0.78 -25.15 -0.42
C VAL B 301 -0.54 -26.56 -0.94
N TRP B 302 0.73 -26.95 -1.01
CA TRP B 302 1.14 -28.25 -1.53
C TRP B 302 1.82 -29.06 -0.44
N ASP B 303 1.58 -30.36 -0.44
CA ASP B 303 2.23 -31.27 0.49
C ASP B 303 3.62 -31.62 -0.02
N ALA B 304 4.64 -31.44 0.82
CA ALA B 304 6.01 -31.69 0.40
C ALA B 304 6.26 -33.16 0.08
N LEU B 305 5.50 -34.07 0.67
CA LEU B 305 5.67 -35.50 0.47
C LEU B 305 4.62 -36.11 -0.45
N LYS B 306 3.35 -35.74 -0.27
CA LYS B 306 2.28 -36.31 -1.08
C LYS B 306 2.01 -35.51 -2.36
N ALA B 307 2.38 -34.23 -2.38
CA ALA B 307 2.18 -33.38 -3.56
C ALA B 307 0.69 -33.29 -3.92
N ASP B 308 -0.12 -32.89 -2.93
CA ASP B 308 -1.54 -32.70 -3.11
C ASP B 308 -1.94 -31.32 -2.63
N ARG B 309 -2.97 -30.77 -3.25
CA ARG B 309 -3.46 -29.44 -2.90
C ARG B 309 -4.22 -29.53 -1.58
N ALA B 310 -3.53 -29.22 -0.48
CA ALA B 310 -4.15 -29.30 0.84
C ALA B 310 -5.11 -28.15 1.10
N GLY B 311 -5.04 -27.08 0.31
CA GLY B 311 -5.92 -25.95 0.50
C GLY B 311 -5.59 -24.85 -0.48
N VAL B 312 -6.41 -23.80 -0.44
CA VAL B 312 -6.25 -22.65 -1.31
C VAL B 312 -6.66 -21.41 -0.53
N LEU B 313 -5.98 -20.29 -0.80
CA LEU B 313 -6.24 -19.01 -0.14
C LEU B 313 -6.77 -18.04 -1.17
N ALA B 314 -8.02 -17.62 -1.00
CA ALA B 314 -8.69 -16.70 -1.93
C ALA B 314 -8.96 -15.35 -1.27
N GLY B 315 -8.03 -14.90 -0.42
CA GLY B 315 -8.20 -13.62 0.25
C GLY B 315 -7.77 -12.42 -0.56
N HIS B 316 -6.93 -12.62 -1.56
CA HIS B 316 -6.43 -11.54 -2.41
C HIS B 316 -7.21 -11.48 -3.72
N ASP B 317 -7.17 -10.31 -4.35
CA ASP B 317 -7.85 -10.07 -5.62
C ASP B 317 -6.87 -9.60 -6.70
N ASN B 318 -5.59 -9.85 -6.52
CA ASN B 318 -4.57 -9.43 -7.49
C ASN B 318 -3.43 -10.44 -7.45
N ARG B 319 -2.48 -10.25 -8.36
CA ARG B 319 -1.33 -11.13 -8.45
C ARG B 319 -0.58 -11.17 -7.12
N VAL B 320 -0.30 -12.39 -6.64
CA VAL B 320 0.50 -12.57 -5.43
C VAL B 320 1.95 -12.32 -5.77
N SER B 321 2.58 -11.37 -5.05
CA SER B 321 3.95 -10.96 -5.34
C SER B 321 4.98 -11.60 -4.43
N CYS B 322 4.66 -11.78 -3.15
CA CYS B 322 5.60 -12.29 -2.18
C CYS B 322 4.90 -13.22 -1.21
N LEU B 323 5.70 -14.03 -0.51
CA LEU B 323 5.18 -14.97 0.47
C LEU B 323 6.29 -15.31 1.46
N GLY B 324 5.97 -15.27 2.75
CA GLY B 324 6.94 -15.55 3.77
C GLY B 324 6.35 -16.13 5.04
N VAL B 325 6.90 -17.24 5.51
CA VAL B 325 6.44 -17.93 6.71
C VAL B 325 7.29 -17.47 7.88
N THR B 326 6.65 -17.30 9.03
CA THR B 326 7.36 -16.88 10.22
C THR B 326 8.42 -17.91 10.61
N ASP B 327 9.45 -17.46 11.31
CA ASP B 327 10.52 -18.36 11.75
C ASP B 327 9.99 -19.40 12.72
N ASP B 328 8.92 -19.09 13.46
CA ASP B 328 8.32 -20.00 14.41
C ASP B 328 7.14 -20.78 13.82
N GLY B 329 6.81 -20.55 12.56
CA GLY B 329 5.73 -21.27 11.93
C GLY B 329 4.36 -21.00 12.51
N MET B 330 4.20 -19.90 13.26
CA MET B 330 2.91 -19.58 13.85
C MET B 330 1.94 -18.97 12.84
N ALA B 331 2.43 -18.36 11.77
CA ALA B 331 1.58 -17.74 10.77
C ALA B 331 2.39 -17.47 9.53
N VAL B 332 1.70 -17.13 8.44
CA VAL B 332 2.32 -16.82 7.16
C VAL B 332 1.64 -15.60 6.57
N ALA B 333 2.44 -14.70 6.01
CA ALA B 333 1.96 -13.48 5.38
C ALA B 333 2.08 -13.59 3.87
N THR B 334 1.07 -13.09 3.16
CA THR B 334 1.04 -13.12 1.70
C THR B 334 0.78 -11.72 1.19
N GLY B 335 1.66 -11.23 0.31
CA GLY B 335 1.54 -9.91 -0.27
C GLY B 335 1.15 -10.01 -1.74
N SER B 336 0.48 -8.98 -2.23
CA SER B 336 0.02 -8.94 -3.61
C SER B 336 0.04 -7.51 -4.11
N TRP B 337 -0.18 -7.35 -5.42
CA TRP B 337 -0.21 -6.04 -6.04
C TRP B 337 -1.45 -5.24 -5.67
N ASP B 338 -2.40 -5.83 -4.92
CA ASP B 338 -3.60 -5.12 -4.51
C ASP B 338 -3.34 -4.09 -3.41
N SER B 339 -2.08 -3.90 -3.00
CA SER B 339 -1.70 -2.94 -1.97
C SER B 339 -2.16 -3.37 -0.57
N PHE B 340 -2.30 -4.68 -0.35
CA PHE B 340 -2.69 -5.20 0.95
C PHE B 340 -1.76 -6.35 1.32
N LEU B 341 -1.58 -6.53 2.63
CA LEU B 341 -0.73 -7.59 3.18
C LEU B 341 -1.50 -8.27 4.31
N LYS B 342 -1.93 -9.50 4.06
CA LYS B 342 -2.72 -10.26 5.02
C LYS B 342 -1.89 -11.39 5.61
N ILE B 343 -2.31 -11.85 6.79
CA ILE B 343 -1.63 -12.92 7.51
C ILE B 343 -2.57 -14.12 7.57
N TRP B 344 -2.00 -15.32 7.43
CA TRP B 344 -2.75 -16.56 7.44
C TRP B 344 -2.15 -17.52 8.45
N ASN B 345 -2.98 -18.41 8.97
CA ASN B 345 -2.53 -19.44 9.90
C ASN B 345 -3.62 -20.48 10.13
N TRP C 18 -58.87 -1.95 -5.44
CA TRP C 18 -59.78 -1.99 -6.61
C TRP C 18 -58.98 -2.25 -7.88
N ASN C 19 -59.63 -2.87 -8.87
CA ASN C 19 -58.98 -3.25 -10.12
C ASN C 19 -59.11 -2.15 -11.17
N GLU C 20 -58.63 -0.95 -10.79
CA GLU C 20 -58.62 0.19 -11.70
C GLU C 20 -57.26 0.31 -12.38
N PRO C 21 -57.20 0.82 -13.61
CA PRO C 21 -55.92 0.86 -14.34
C PRO C 21 -54.87 1.65 -13.59
N PRO C 22 -55.21 2.82 -13.04
CA PRO C 22 -54.20 3.53 -12.24
C PRO C 22 -53.63 2.71 -11.11
N VAL C 23 -54.49 2.01 -10.36
CA VAL C 23 -54.01 1.21 -9.23
C VAL C 23 -53.14 0.05 -9.72
N ILE C 24 -53.53 -0.57 -10.84
CA ILE C 24 -52.75 -1.68 -11.39
C ILE C 24 -51.37 -1.20 -11.79
N LEU C 25 -51.30 -0.07 -12.51
CA LEU C 25 -50.01 0.48 -12.91
C LEU C 25 -49.18 0.85 -11.69
N SER C 26 -49.81 1.43 -10.66
CA SER C 26 -49.07 1.80 -9.46
C SER C 26 -48.48 0.57 -8.78
N MET C 27 -49.27 -0.50 -8.65
CA MET C 27 -48.76 -1.71 -8.03
C MET C 27 -47.63 -2.34 -8.85
N VAL C 28 -47.78 -2.34 -10.18
CA VAL C 28 -46.74 -2.90 -11.03
C VAL C 28 -45.45 -2.10 -10.88
N ILE C 29 -45.55 -0.77 -10.89
CA ILE C 29 -44.37 0.06 -10.75
C ILE C 29 -43.74 -0.12 -9.38
N LEU C 30 -44.56 -0.28 -8.34
CA LEU C 30 -44.03 -0.51 -7.00
C LEU C 30 -43.26 -1.83 -6.94
N SER C 31 -43.84 -2.90 -7.49
CA SER C 31 -43.18 -4.20 -7.48
C SER C 31 -41.87 -4.14 -8.26
N LEU C 32 -41.82 -3.36 -9.32
CA LEU C 32 -40.59 -3.24 -10.07
C LEU C 32 -39.54 -2.51 -9.26
N THR C 33 -39.90 -1.58 -8.40
CA THR C 33 -38.94 -0.83 -7.57
C THR C 33 -38.30 -1.70 -6.50
N PHE C 34 -39.06 -2.46 -5.76
CA PHE C 34 -38.50 -3.23 -4.69
C PHE C 34 -37.90 -4.50 -5.23
N LEU C 35 -38.12 -4.85 -6.50
CA LEU C 35 -37.47 -6.02 -7.08
C LEU C 35 -36.17 -5.59 -7.72
N LEU C 36 -36.10 -4.45 -8.41
CA LEU C 36 -34.88 -4.03 -9.10
C LEU C 36 -33.96 -3.25 -8.19
N GLY C 37 -34.48 -2.20 -7.54
CA GLY C 37 -33.63 -1.35 -6.74
C GLY C 37 -33.04 -2.06 -5.53
N LEU C 38 -33.84 -2.62 -4.64
CA LEU C 38 -33.27 -3.16 -3.39
C LEU C 38 -32.12 -4.11 -3.57
N PRO C 39 -32.24 -5.15 -4.41
CA PRO C 39 -31.03 -5.96 -4.62
C PRO C 39 -29.90 -5.19 -5.28
N GLY C 40 -30.22 -4.46 -6.36
CA GLY C 40 -29.17 -3.72 -7.07
C GLY C 40 -28.52 -2.66 -6.21
N ASN C 41 -29.35 -1.85 -5.52
CA ASN C 41 -28.79 -0.82 -4.66
C ASN C 41 -27.97 -1.42 -3.53
N GLY C 42 -28.47 -2.49 -2.90
CA GLY C 42 -27.70 -3.14 -1.85
C GLY C 42 -26.36 -3.63 -2.35
N LEU C 43 -26.36 -4.29 -3.51
CA LEU C 43 -25.11 -4.81 -4.07
C LEU C 43 -24.14 -3.67 -4.38
N VAL C 44 -24.63 -2.62 -5.02
CA VAL C 44 -23.76 -1.50 -5.38
C VAL C 44 -23.18 -0.86 -4.13
N LEU C 45 -24.01 -0.64 -3.11
CA LEU C 45 -23.52 -0.04 -1.87
C LEU C 45 -22.46 -0.91 -1.23
N TRP C 46 -22.75 -2.20 -1.06
CA TRP C 46 -21.79 -3.10 -0.42
C TRP C 46 -20.47 -3.13 -1.18
N VAL C 47 -20.54 -3.25 -2.51
CA VAL C 47 -19.33 -3.28 -3.31
C VAL C 47 -18.53 -2.00 -3.14
N ALA C 48 -19.14 -0.86 -3.50
CA ALA C 48 -18.42 0.41 -3.44
C ALA C 48 -17.96 0.75 -2.02
N GLY C 49 -18.51 0.11 -1.00
CA GLY C 49 -18.12 0.41 0.36
C GLY C 49 -17.00 -0.48 0.89
N LEU C 50 -17.05 -1.78 0.60
CA LEU C 50 -16.11 -2.73 1.17
C LEU C 50 -15.15 -3.33 0.15
N LYS C 51 -15.63 -3.65 -1.05
CA LYS C 51 -14.85 -4.39 -2.03
C LYS C 51 -14.15 -3.49 -3.04
N MET C 52 -14.07 -2.18 -2.77
CA MET C 52 -13.43 -1.25 -3.69
C MET C 52 -12.87 -0.07 -2.91
N GLN C 53 -11.89 0.59 -3.49
CA GLN C 53 -11.26 1.73 -2.86
C GLN C 53 -12.23 2.91 -2.78
N ARG C 54 -11.84 3.93 -2.02
CA ARG C 54 -12.67 5.10 -1.80
C ARG C 54 -12.21 6.22 -2.75
N THR C 55 -12.59 6.08 -4.01
CA THR C 55 -12.31 7.09 -5.02
C THR C 55 -13.43 8.11 -5.08
N VAL C 56 -13.14 9.25 -5.73
CA VAL C 56 -14.13 10.33 -5.85
C VAL C 56 -15.42 9.77 -6.46
N ASN C 57 -15.31 9.21 -7.66
CA ASN C 57 -16.48 8.60 -8.30
C ASN C 57 -17.08 7.52 -7.41
N THR C 58 -16.26 6.79 -6.67
CA THR C 58 -16.80 5.77 -5.77
C THR C 58 -17.62 6.40 -4.65
N ILE C 59 -17.17 7.52 -4.10
CA ILE C 59 -17.94 8.20 -3.06
C ILE C 59 -19.25 8.75 -3.63
N TRP C 60 -19.19 9.30 -4.84
CA TRP C 60 -20.41 9.78 -5.49
C TRP C 60 -21.41 8.64 -5.68
N PHE C 61 -20.92 7.49 -6.16
CA PHE C 61 -21.80 6.34 -6.35
C PHE C 61 -22.36 5.84 -5.02
N LEU C 62 -21.53 5.85 -3.97
CA LEU C 62 -22.01 5.44 -2.66
C LEU C 62 -23.15 6.33 -2.19
N HIS C 63 -22.97 7.64 -2.27
CA HIS C 63 -24.01 8.57 -1.84
C HIS C 63 -25.27 8.40 -2.68
N LEU C 64 -25.11 8.27 -4.01
CA LEU C 64 -26.28 8.11 -4.86
C LEU C 64 -27.02 6.82 -4.54
N THR C 65 -26.29 5.73 -4.30
CA THR C 65 -26.93 4.45 -3.98
C THR C 65 -27.64 4.51 -2.64
N LEU C 66 -27.03 5.18 -1.65
CA LEU C 66 -27.68 5.34 -0.35
C LEU C 66 -28.98 6.13 -0.50
N ALA C 67 -28.93 7.24 -1.24
CA ALA C 67 -30.14 8.04 -1.46
C ALA C 67 -31.21 7.23 -2.17
N ASP C 68 -30.82 6.46 -3.20
CA ASP C 68 -31.79 5.67 -3.93
C ASP C 68 -32.40 4.57 -3.06
N LEU C 69 -31.58 3.95 -2.21
CA LEU C 69 -32.10 2.92 -1.31
C LEU C 69 -33.08 3.51 -0.32
N LEU C 70 -32.76 4.68 0.24
CA LEU C 70 -33.69 5.33 1.16
C LEU C 70 -34.99 5.71 0.46
N CYS C 71 -34.89 6.20 -0.78
CA CYS C 71 -36.10 6.53 -1.53
C CYS C 71 -36.95 5.29 -1.78
N CYS C 72 -36.31 4.18 -2.14
CA CYS C 72 -37.06 2.95 -2.39
C CYS C 72 -37.71 2.43 -1.11
N LEU C 73 -37.01 2.54 0.02
CA LEU C 73 -37.60 2.09 1.28
C LEU C 73 -38.73 3.00 1.73
N SER C 74 -38.68 4.28 1.38
CA SER C 74 -39.76 5.20 1.75
C SER C 74 -40.93 5.14 0.79
N LEU C 75 -40.71 4.66 -0.44
CA LEU C 75 -41.80 4.52 -1.41
C LEU C 75 -43.06 3.91 -0.82
N PRO C 76 -43.03 2.74 -0.17
CA PRO C 76 -44.27 2.18 0.37
C PRO C 76 -44.92 3.08 1.41
N PHE C 77 -44.13 3.66 2.31
CA PHE C 77 -44.70 4.56 3.31
C PHE C 77 -45.25 5.81 2.65
N SER C 78 -44.55 6.33 1.63
CA SER C 78 -45.05 7.51 0.92
C SER C 78 -46.39 7.23 0.27
N LEU C 79 -46.52 6.07 -0.39
CA LEU C 79 -47.78 5.74 -1.06
C LEU C 79 -48.89 5.45 -0.05
N ALA C 80 -48.57 4.82 1.07
CA ALA C 80 -49.57 4.61 2.12
C ALA C 80 -50.03 5.91 2.76
N HIS C 81 -49.14 6.91 2.86
CA HIS C 81 -49.55 8.22 3.35
C HIS C 81 -50.41 8.94 2.32
N LEU C 82 -50.03 8.84 1.04
CA LEU C 82 -50.84 9.44 -0.01
C LEU C 82 -52.23 8.83 -0.05
N ALA C 83 -52.33 7.52 0.24
CA ALA C 83 -53.63 6.87 0.25
C ALA C 83 -54.45 7.26 1.47
N LEU C 84 -53.83 7.24 2.65
CA LEU C 84 -54.51 7.53 3.91
C LEU C 84 -54.40 9.02 4.26
N GLN C 85 -54.82 9.89 3.33
CA GLN C 85 -54.82 11.32 3.59
C GLN C 85 -56.14 11.81 4.19
N GLY C 86 -57.09 10.91 4.41
CA GLY C 86 -58.39 11.32 4.93
C GLY C 86 -58.54 11.14 6.43
N GLN C 87 -57.91 10.09 6.97
CA GLN C 87 -57.96 9.82 8.41
C GLN C 87 -56.59 9.97 9.05
N TRP C 88 -55.58 9.25 8.57
CA TRP C 88 -54.24 9.27 9.14
C TRP C 88 -54.30 9.28 10.67
N PRO C 89 -54.68 8.17 11.30
CA PRO C 89 -54.77 8.17 12.77
C PRO C 89 -53.43 7.94 13.45
N TYR C 90 -52.34 8.07 12.71
CA TYR C 90 -51.00 7.86 13.24
C TYR C 90 -50.42 9.10 13.90
N GLY C 91 -51.23 10.06 14.26
CA GLY C 91 -50.69 11.16 15.05
C GLY C 91 -50.06 12.32 14.36
N ARG C 92 -49.65 13.31 15.12
CA ARG C 92 -49.16 14.50 14.48
C ARG C 92 -47.72 14.42 13.96
N PHE C 93 -46.79 13.87 14.73
CA PHE C 93 -45.40 13.87 14.30
C PHE C 93 -45.14 13.04 13.08
N LEU C 94 -45.88 11.98 12.87
CA LEU C 94 -45.56 11.10 11.76
C LEU C 94 -45.88 11.77 10.43
N CYS C 95 -47.00 12.49 10.36
CA CYS C 95 -47.35 13.20 9.13
C CYS C 95 -46.32 14.29 8.81
N LYS C 96 -45.66 14.83 9.82
CA LYS C 96 -44.61 15.82 9.60
C LYS C 96 -43.27 15.19 9.31
N LEU C 97 -43.04 13.97 9.78
CA LEU C 97 -41.74 13.33 9.63
C LEU C 97 -41.63 12.57 8.31
N ILE C 98 -42.55 11.65 8.05
CA ILE C 98 -42.46 10.76 6.89
C ILE C 98 -42.35 11.58 5.62
N PRO C 99 -43.29 12.47 5.31
CA PRO C 99 -43.12 13.31 4.11
C PRO C 99 -41.84 14.13 4.14
N SER C 100 -41.44 14.61 5.31
CA SER C 100 -40.20 15.37 5.41
C SER C 100 -39.00 14.53 4.99
N ILE C 101 -38.91 13.31 5.52
CA ILE C 101 -37.81 12.42 5.16
C ILE C 101 -37.85 12.08 3.68
N ILE C 102 -39.06 11.86 3.14
CA ILE C 102 -39.19 11.54 1.73
C ILE C 102 -38.65 12.68 0.86
N VAL C 103 -39.10 13.91 1.15
CA VAL C 103 -38.65 15.05 0.36
C VAL C 103 -37.17 15.28 0.55
N LEU C 104 -36.65 15.05 1.75
CA LEU C 104 -35.21 15.19 2.00
C LEU C 104 -34.43 14.23 1.12
N ASN C 105 -34.83 12.96 1.10
CA ASN C 105 -34.12 11.97 0.29
C ASN C 105 -34.21 12.32 -1.20
N MET C 106 -35.39 12.78 -1.65
CA MET C 106 -35.54 13.12 -3.05
C MET C 106 -34.62 14.29 -3.43
N PHE C 107 -34.61 15.34 -2.63
CA PHE C 107 -33.74 16.47 -2.91
C PHE C 107 -32.27 16.08 -2.83
N ALA C 108 -31.93 15.20 -1.89
CA ALA C 108 -30.55 14.74 -1.79
C ALA C 108 -30.13 13.99 -3.05
N SER C 109 -30.99 13.11 -3.55
CA SER C 109 -30.67 12.38 -4.78
C SER C 109 -30.53 13.33 -5.96
N VAL C 110 -31.44 14.30 -6.07
CA VAL C 110 -31.38 15.25 -7.18
C VAL C 110 -30.10 16.05 -7.12
N PHE C 111 -29.73 16.53 -5.93
CA PHE C 111 -28.52 17.32 -5.79
C PHE C 111 -27.27 16.48 -6.05
N LEU C 112 -27.30 15.21 -5.66
CA LEU C 112 -26.17 14.34 -5.94
C LEU C 112 -26.00 14.13 -7.44
N LEU C 113 -27.11 13.91 -8.15
CA LEU C 113 -27.03 13.79 -9.61
C LEU C 113 -26.50 15.07 -10.24
N THR C 114 -27.00 16.23 -9.78
CA THR C 114 -26.53 17.49 -10.32
C THR C 114 -25.04 17.69 -10.06
N ALA C 115 -24.57 17.32 -8.87
CA ALA C 115 -23.16 17.47 -8.55
C ALA C 115 -22.29 16.53 -9.37
N ILE C 116 -22.77 15.30 -9.59
CA ILE C 116 -22.03 14.37 -10.44
C ILE C 116 -21.93 14.93 -11.86
N SER C 117 -23.02 15.50 -12.37
CA SER C 117 -22.98 16.10 -13.71
C SER C 117 -21.99 17.26 -13.75
N LEU C 118 -22.03 18.14 -12.74
CA LEU C 118 -21.12 19.28 -12.71
C LEU C 118 -19.67 18.82 -12.63
N ASP C 119 -19.40 17.76 -11.87
CA ASP C 119 -18.03 17.25 -11.78
C ASP C 119 -17.57 16.66 -13.11
N ARG C 120 -18.44 15.87 -13.75
CA ARG C 120 -18.09 15.31 -15.05
C ARG C 120 -17.85 16.42 -16.08
N CYS C 121 -18.57 17.52 -15.97
CA CYS C 121 -18.35 18.64 -16.88
C CYS C 121 -17.03 19.34 -16.58
N LEU C 122 -16.76 19.63 -15.30
CA LEU C 122 -15.53 20.30 -14.92
C LEU C 122 -14.30 19.47 -15.28
N VAL C 123 -14.43 18.14 -15.24
CA VAL C 123 -13.30 17.28 -15.61
C VAL C 123 -12.81 17.64 -17.00
N VAL C 124 -13.73 17.84 -17.96
CA VAL C 124 -13.34 18.19 -19.32
C VAL C 124 -13.13 19.69 -19.49
N PHE C 125 -13.73 20.52 -18.63
CA PHE C 125 -13.59 21.97 -18.77
C PHE C 125 -12.27 22.47 -18.19
N LYS C 126 -11.78 21.84 -17.12
CA LYS C 126 -10.51 22.21 -16.51
C LYS C 126 -9.74 20.94 -16.15
N PRO C 127 -9.14 20.28 -17.15
CA PRO C 127 -8.39 19.05 -16.86
C PRO C 127 -7.22 19.27 -15.91
N ILE C 128 -6.46 20.34 -16.11
CA ILE C 128 -5.28 20.58 -15.29
C ILE C 128 -5.69 20.88 -13.85
N TRP C 129 -6.80 21.59 -13.67
CA TRP C 129 -7.24 21.93 -12.31
C TRP C 129 -7.62 20.69 -11.53
N CYS C 130 -8.26 19.71 -12.18
CA CYS C 130 -8.68 18.50 -11.49
C CYS C 130 -7.49 17.64 -11.08
N GLN C 131 -6.36 17.73 -11.77
CA GLN C 131 -5.19 16.93 -11.42
C GLN C 131 -4.44 17.48 -10.22
N ASN C 132 -4.75 18.70 -9.77
CA ASN C 132 -4.06 19.34 -8.67
C ASN C 132 -4.93 19.52 -7.43
N HIS C 133 -6.22 19.82 -7.61
CA HIS C 133 -7.10 20.13 -6.50
C HIS C 133 -8.23 19.15 -6.28
N ARG C 134 -8.54 18.29 -7.26
CA ARG C 134 -9.63 17.33 -7.10
C ARG C 134 -9.14 16.11 -6.35
N ASN C 135 -9.71 15.88 -5.17
CA ASN C 135 -9.34 14.76 -4.32
C ASN C 135 -10.59 14.22 -3.63
N VAL C 136 -10.41 13.17 -2.83
CA VAL C 136 -11.54 12.58 -2.12
C VAL C 136 -12.07 13.53 -1.05
N GLY C 137 -11.19 14.36 -0.47
CA GLY C 137 -11.63 15.29 0.55
C GLY C 137 -12.61 16.32 0.00
N MET C 138 -12.31 16.87 -1.18
CA MET C 138 -13.21 17.83 -1.79
C MET C 138 -14.56 17.19 -2.12
N ALA C 139 -14.55 15.95 -2.61
CA ALA C 139 -15.79 15.26 -2.91
C ALA C 139 -16.61 15.04 -1.64
N CYS C 140 -15.96 14.62 -0.56
CA CYS C 140 -16.67 14.42 0.71
C CYS C 140 -17.25 15.74 1.22
N SER C 141 -16.49 16.82 1.10
CA SER C 141 -16.99 18.12 1.55
C SER C 141 -18.18 18.56 0.72
N ILE C 142 -18.13 18.36 -0.60
CA ILE C 142 -19.25 18.73 -1.45
C ILE C 142 -20.47 17.89 -1.12
N CYS C 143 -20.28 16.59 -0.87
CA CYS C 143 -21.41 15.73 -0.51
C CYS C 143 -22.02 16.17 0.82
N GLY C 144 -21.18 16.52 1.79
CA GLY C 144 -21.70 17.01 3.06
C GLY C 144 -22.48 18.30 2.90
N CYS C 145 -21.95 19.24 2.11
CA CYS C 145 -22.66 20.49 1.87
C CYS C 145 -23.99 20.22 1.16
N ILE C 146 -24.01 19.27 0.23
CA ILE C 146 -25.25 18.95 -0.47
C ILE C 146 -26.28 18.39 0.50
N TRP C 147 -25.85 17.45 1.36
CA TRP C 147 -26.78 16.87 2.32
C TRP C 147 -27.26 17.91 3.32
N VAL C 148 -26.41 18.88 3.66
CA VAL C 148 -26.83 19.94 4.57
C VAL C 148 -27.87 20.84 3.90
N VAL C 149 -27.61 21.25 2.66
CA VAL C 149 -28.56 22.09 1.94
C VAL C 149 -29.89 21.36 1.76
N ALA C 150 -29.83 20.06 1.53
CA ALA C 150 -31.06 19.27 1.40
C ALA C 150 -31.87 19.30 2.69
N PHE C 151 -31.18 19.29 3.83
CA PHE C 151 -31.88 19.37 5.12
C PHE C 151 -32.58 20.72 5.27
N VAL C 152 -31.92 21.80 4.87
CA VAL C 152 -32.54 23.11 4.94
C VAL C 152 -33.70 23.23 3.96
N MET C 153 -33.64 22.52 2.84
CA MET C 153 -34.74 22.52 1.88
C MET C 153 -35.94 21.74 2.37
N CYS C 154 -35.78 20.91 3.41
CA CYS C 154 -36.87 20.11 3.96
C CYS C 154 -37.57 20.79 5.13
N ILE C 155 -36.94 21.78 5.76
CA ILE C 155 -37.58 22.46 6.89
C ILE C 155 -38.92 23.05 6.48
N PRO C 156 -39.07 23.69 5.32
CA PRO C 156 -40.41 24.19 4.94
C PRO C 156 -41.49 23.12 4.96
N VAL C 157 -41.13 21.87 4.65
CA VAL C 157 -42.13 20.81 4.66
C VAL C 157 -42.52 20.46 6.09
N PHE C 158 -41.56 20.50 7.02
CA PHE C 158 -41.83 20.11 8.39
C PHE C 158 -42.51 21.24 9.19
N VAL C 159 -42.18 22.50 8.88
CA VAL C 159 -42.70 23.61 9.66
C VAL C 159 -44.12 23.97 9.23
N TYR C 160 -44.38 23.96 7.92
CA TYR C 160 -45.70 24.35 7.43
C TYR C 160 -46.71 23.21 7.53
N ARG C 161 -46.25 21.96 7.47
CA ARG C 161 -47.14 20.81 7.60
C ARG C 161 -47.86 20.85 8.94
N GLU C 162 -49.17 21.03 8.91
CA GLU C 162 -50.00 21.07 10.11
C GLU C 162 -51.15 20.08 9.95
N ILE C 163 -52.00 20.00 10.98
CA ILE C 163 -53.12 19.09 11.00
C ILE C 163 -54.39 19.88 11.27
N PHE C 164 -55.43 19.61 10.49
CA PHE C 164 -56.76 20.17 10.69
C PHE C 164 -57.76 19.03 10.84
N THR C 165 -58.98 19.37 11.20
CA THR C 165 -60.00 18.36 11.47
C THR C 165 -61.37 18.89 11.10
N THR C 166 -62.19 18.00 10.53
CA THR C 166 -63.58 18.32 10.22
C THR C 166 -64.42 18.09 11.48
N ASP C 167 -65.75 18.09 11.32
CA ASP C 167 -66.64 17.90 12.45
C ASP C 167 -66.65 16.47 12.97
N ASN C 168 -66.03 15.53 12.26
CA ASN C 168 -66.06 14.12 12.66
C ASN C 168 -64.70 13.43 12.62
N HIS C 169 -63.73 13.92 11.86
CA HIS C 169 -62.44 13.25 11.74
C HIS C 169 -61.36 14.27 11.47
N ASN C 170 -60.11 13.85 11.67
CA ASN C 170 -58.94 14.69 11.46
C ASN C 170 -58.39 14.52 10.06
N ARG C 171 -57.61 15.50 9.63
CA ARG C 171 -56.99 15.48 8.30
C ARG C 171 -55.70 16.29 8.35
N CYS C 172 -54.61 15.70 7.87
CA CYS C 172 -53.31 16.34 7.83
C CYS C 172 -53.08 16.96 6.46
N GLY C 173 -52.58 18.20 6.45
CA GLY C 173 -52.33 18.89 5.20
C GLY C 173 -51.64 20.23 5.38
N TYR C 174 -52.01 21.21 4.55
CA TYR C 174 -51.43 22.55 4.56
C TYR C 174 -52.53 23.59 4.70
N LYS C 175 -53.43 23.38 5.66
CA LYS C 175 -54.54 24.31 5.86
C LYS C 175 -54.05 25.74 6.03
N PHE C 176 -52.97 25.93 6.77
CA PHE C 176 -52.42 27.26 7.02
C PHE C 176 -53.48 28.18 7.61
N PRO C 330 -47.43 34.81 -0.50
CA PRO C 330 -48.45 33.91 -1.04
C PRO C 330 -48.74 32.73 -0.11
N THR C 331 -49.69 31.89 -0.50
CA THR C 331 -50.03 30.73 0.32
C THR C 331 -48.81 29.81 0.41
N PRO C 332 -48.55 29.21 1.57
CA PRO C 332 -47.39 28.31 1.67
C PRO C 332 -47.41 27.18 0.66
N LEU C 333 -48.59 26.64 0.35
CA LEU C 333 -48.68 25.53 -0.59
C LEU C 333 -48.10 25.91 -1.94
N VAL C 334 -48.61 26.99 -2.55
CA VAL C 334 -48.13 27.40 -3.87
C VAL C 334 -46.65 27.79 -3.81
N ALA C 335 -46.25 28.48 -2.74
CA ALA C 335 -44.86 28.90 -2.62
C ALA C 335 -43.92 27.69 -2.62
N ILE C 336 -44.17 26.72 -1.75
CA ILE C 336 -43.29 25.56 -1.67
C ILE C 336 -43.39 24.73 -2.94
N THR C 337 -44.56 24.67 -3.56
CA THR C 337 -44.70 23.92 -4.81
C THR C 337 -43.83 24.52 -5.90
N ILE C 338 -43.89 25.84 -6.08
CA ILE C 338 -43.07 26.49 -7.09
C ILE C 338 -41.59 26.36 -6.74
N THR C 339 -41.24 26.47 -5.46
CA THR C 339 -39.84 26.34 -5.06
C THR C 339 -39.31 24.96 -5.41
N ARG C 340 -40.06 23.92 -5.06
CA ARG C 340 -39.65 22.55 -5.37
C ARG C 340 -39.55 22.39 -6.87
N LEU C 341 -40.58 22.80 -7.61
CA LEU C 341 -40.56 22.75 -9.06
C LEU C 341 -39.24 23.31 -9.60
N VAL C 342 -38.96 24.58 -9.28
CA VAL C 342 -37.77 25.24 -9.79
C VAL C 342 -36.54 24.42 -9.43
N VAL C 343 -36.26 24.29 -8.13
CA VAL C 343 -34.99 23.75 -7.68
C VAL C 343 -34.87 22.24 -7.84
N GLY C 344 -35.88 21.59 -8.40
CA GLY C 344 -35.79 20.15 -8.64
C GLY C 344 -35.85 19.79 -10.10
N PHE C 345 -36.34 20.71 -10.92
CA PHE C 345 -36.46 20.41 -12.32
C PHE C 345 -35.76 21.42 -13.20
N LEU C 346 -35.97 22.70 -12.99
CA LEU C 346 -35.47 23.69 -13.93
C LEU C 346 -33.95 23.79 -13.86
N LEU C 347 -33.41 23.98 -12.65
CA LEU C 347 -31.96 24.14 -12.52
C LEU C 347 -31.23 22.83 -12.73
N PRO C 348 -31.63 21.71 -12.10
CA PRO C 348 -30.88 20.46 -12.34
C PRO C 348 -30.94 20.02 -13.80
N SER C 349 -32.12 20.07 -14.42
CA SER C 349 -32.25 19.61 -15.80
C SER C 349 -31.40 20.45 -16.74
N VAL C 350 -31.47 21.78 -16.61
CA VAL C 350 -30.70 22.65 -17.50
C VAL C 350 -29.21 22.48 -17.24
N ILE C 351 -28.82 22.30 -15.98
CA ILE C 351 -27.41 22.08 -15.66
C ILE C 351 -26.91 20.82 -16.36
N MET C 352 -27.66 19.72 -16.21
CA MET C 352 -27.25 18.46 -16.84
C MET C 352 -27.22 18.59 -18.35
N ILE C 353 -28.21 19.25 -18.93
CA ILE C 353 -28.26 19.44 -20.37
C ILE C 353 -27.01 20.18 -20.84
N ALA C 354 -26.70 21.31 -20.21
CA ALA C 354 -25.53 22.08 -20.60
C ALA C 354 -24.25 21.27 -20.43
N CYS C 355 -24.13 20.54 -19.32
CA CYS C 355 -22.93 19.75 -19.08
C CYS C 355 -22.73 18.71 -20.16
N TYR C 356 -23.76 17.91 -20.44
CA TYR C 356 -23.63 16.85 -21.45
C TYR C 356 -23.40 17.45 -22.84
N SER C 357 -24.07 18.56 -23.15
CA SER C 357 -23.88 19.19 -24.45
C SER C 357 -22.45 19.67 -24.61
N PHE C 358 -21.89 20.33 -23.60
CA PHE C 358 -20.51 20.79 -23.69
C PHE C 358 -19.55 19.60 -23.79
N ILE C 359 -19.80 18.54 -23.02
CA ILE C 359 -18.93 17.37 -23.09
C ILE C 359 -18.93 16.79 -24.50
N VAL C 360 -20.11 16.61 -25.08
CA VAL C 360 -20.19 16.04 -26.42
C VAL C 360 -19.54 16.97 -27.44
N PHE C 361 -19.77 18.29 -27.30
CA PHE C 361 -19.21 19.24 -28.26
C PHE C 361 -17.69 19.25 -28.20
N ARG C 362 -17.12 19.07 -27.00
CA ARG C 362 -15.67 19.09 -26.88
C ARG C 362 -15.04 17.75 -27.25
N MET C 363 -15.77 16.64 -27.08
CA MET C 363 -15.24 15.33 -27.47
C MET C 363 -15.39 15.06 -28.95
N GLN C 364 -16.37 15.68 -29.62
CA GLN C 364 -16.52 15.49 -31.05
C GLN C 364 -15.59 16.38 -31.87
N ARG C 365 -15.10 17.48 -31.30
CA ARG C 365 -14.20 18.38 -31.98
C ARG C 365 -12.80 18.25 -31.38
N GLY C 366 -11.89 19.09 -31.86
CA GLY C 366 -10.51 19.10 -31.42
C GLY C 366 -9.58 18.44 -32.42
N ARG C 367 -8.28 18.65 -32.20
CA ARG C 367 -7.28 18.11 -33.10
C ARG C 367 -7.12 16.59 -32.94
N PHE C 368 -7.61 16.03 -31.84
CA PHE C 368 -7.60 14.59 -31.60
C PHE C 368 -9.03 14.06 -31.49
N ALA C 369 -9.92 14.61 -32.30
CA ALA C 369 -11.33 14.21 -32.23
C ALA C 369 -11.51 12.75 -32.64
N LYS C 370 -12.58 12.15 -32.14
CA LYS C 370 -12.91 10.77 -32.46
C LYS C 370 -14.42 10.60 -32.38
N SER C 371 -14.92 9.52 -32.98
CA SER C 371 -16.35 9.27 -32.99
C SER C 371 -16.91 9.23 -31.58
N GLN C 372 -16.51 8.23 -30.79
CA GLN C 372 -16.94 8.09 -29.40
C GLN C 372 -18.42 8.18 -29.23
N SER C 373 -19.13 7.45 -30.07
CA SER C 373 -20.58 7.46 -30.02
C SER C 373 -21.12 6.98 -28.68
N LYS C 374 -20.32 6.21 -27.92
CA LYS C 374 -20.78 5.73 -26.62
C LYS C 374 -21.08 6.88 -25.68
N THR C 375 -20.25 7.93 -25.71
CA THR C 375 -20.51 9.09 -24.86
C THR C 375 -21.85 9.71 -25.19
N PHE C 376 -22.11 9.96 -26.47
CA PHE C 376 -23.38 10.56 -26.87
C PHE C 376 -24.55 9.67 -26.48
N ARG C 377 -24.42 8.36 -26.69
CA ARG C 377 -25.51 7.44 -26.36
C ARG C 377 -25.80 7.46 -24.86
N VAL C 378 -24.76 7.37 -24.04
CA VAL C 378 -24.95 7.40 -22.59
C VAL C 378 -25.59 8.70 -22.17
N ALA C 379 -25.10 9.83 -22.69
CA ALA C 379 -25.66 11.13 -22.32
C ALA C 379 -27.14 11.20 -22.67
N VAL C 380 -27.49 10.83 -23.90
CA VAL C 380 -28.89 10.98 -24.33
C VAL C 380 -29.79 10.04 -23.56
N VAL C 381 -29.34 8.80 -23.30
CA VAL C 381 -30.20 7.87 -22.59
C VAL C 381 -30.40 8.32 -21.14
N VAL C 382 -29.34 8.79 -20.49
CA VAL C 382 -29.47 9.28 -19.12
C VAL C 382 -30.41 10.47 -19.06
N VAL C 383 -30.24 11.42 -19.99
CA VAL C 383 -31.10 12.60 -20.01
C VAL C 383 -32.55 12.20 -20.25
N ALA C 384 -32.78 11.28 -21.19
CA ALA C 384 -34.14 10.86 -21.49
C ALA C 384 -34.79 10.18 -20.29
N VAL C 385 -34.04 9.30 -19.61
CA VAL C 385 -34.59 8.64 -18.42
C VAL C 385 -34.93 9.68 -17.36
N PHE C 386 -33.99 10.58 -17.06
CA PHE C 386 -34.23 11.59 -16.04
C PHE C 386 -35.46 12.43 -16.36
N LEU C 387 -35.58 12.86 -17.62
CA LEU C 387 -36.71 13.71 -17.99
C LEU C 387 -38.03 12.94 -17.92
N VAL C 388 -38.08 11.75 -18.54
CA VAL C 388 -39.31 10.97 -18.51
C VAL C 388 -39.71 10.64 -17.08
N CYS C 389 -38.74 10.60 -16.16
CA CYS C 389 -39.07 10.27 -14.78
C CYS C 389 -39.56 11.49 -14.01
N TRP C 390 -38.87 12.63 -14.15
CA TRP C 390 -39.13 13.79 -13.32
C TRP C 390 -40.06 14.81 -13.96
N THR C 391 -40.55 14.57 -15.17
CA THR C 391 -41.47 15.50 -15.80
C THR C 391 -42.89 15.31 -15.29
N PRO C 392 -43.41 14.08 -15.23
CA PRO C 392 -44.82 13.90 -14.82
C PRO C 392 -45.12 14.45 -13.44
N TYR C 393 -44.23 14.24 -12.47
CA TYR C 393 -44.50 14.72 -11.11
C TYR C 393 -44.69 16.23 -11.09
N HIS C 394 -43.73 16.97 -11.67
CA HIS C 394 -43.83 18.42 -11.66
C HIS C 394 -44.98 18.91 -12.51
N ILE C 395 -45.29 18.22 -13.61
CA ILE C 395 -46.40 18.62 -14.46
C ILE C 395 -47.71 18.50 -13.71
N PHE C 396 -47.91 17.39 -13.00
CA PHE C 396 -49.12 17.24 -12.18
C PHE C 396 -49.12 18.22 -11.02
N GLY C 397 -47.95 18.56 -10.48
CA GLY C 397 -47.90 19.51 -9.39
C GLY C 397 -48.33 20.90 -9.83
N VAL C 398 -47.78 21.40 -10.94
CA VAL C 398 -48.13 22.73 -11.42
C VAL C 398 -49.59 22.78 -11.88
N LEU C 399 -50.09 21.68 -12.46
CA LEU C 399 -51.48 21.65 -12.89
C LEU C 399 -52.44 21.50 -11.72
N SER C 400 -52.00 20.91 -10.61
CA SER C 400 -52.88 20.74 -9.46
C SER C 400 -53.28 22.09 -8.87
N LEU C 401 -52.36 23.07 -8.91
CA LEU C 401 -52.65 24.40 -8.39
C LEU C 401 -53.46 25.24 -9.37
N LEU C 402 -53.47 24.88 -10.65
CA LEU C 402 -54.26 25.60 -11.66
C LEU C 402 -55.59 24.93 -11.96
N THR C 403 -55.77 23.67 -11.57
CA THR C 403 -57.01 22.93 -11.80
C THR C 403 -57.68 22.66 -10.46
N ASP C 404 -58.96 22.99 -10.38
CA ASP C 404 -59.72 22.78 -9.15
C ASP C 404 -60.12 21.31 -9.03
N PRO C 405 -60.40 20.85 -7.80
CA PRO C 405 -60.80 19.45 -7.62
C PRO C 405 -62.24 19.15 -8.02
N GLU C 406 -62.96 20.12 -8.59
CA GLU C 406 -64.34 19.92 -8.99
C GLU C 406 -64.47 19.52 -10.46
N THR C 407 -63.66 20.12 -11.32
CA THR C 407 -63.71 19.79 -12.74
C THR C 407 -63.24 18.34 -12.95
N PRO C 408 -63.72 17.68 -14.01
CA PRO C 408 -63.29 16.29 -14.24
C PRO C 408 -61.78 16.11 -14.30
N LEU C 409 -61.05 17.13 -14.76
CA LEU C 409 -59.59 17.03 -14.80
C LEU C 409 -59.02 16.82 -13.41
N GLY C 410 -59.58 17.48 -12.41
CA GLY C 410 -59.12 17.28 -11.04
C GLY C 410 -59.24 15.85 -10.58
N LYS C 411 -60.28 15.15 -11.01
CA LYS C 411 -60.44 13.74 -10.65
C LYS C 411 -59.29 12.91 -11.23
N THR C 412 -58.97 13.15 -12.51
CA THR C 412 -57.86 12.44 -13.12
C THR C 412 -56.55 12.75 -12.42
N LEU C 413 -56.33 14.00 -12.05
CA LEU C 413 -55.11 14.37 -11.33
C LEU C 413 -55.03 13.64 -10.00
N MET C 414 -56.12 13.64 -9.24
CA MET C 414 -56.13 12.97 -7.95
C MET C 414 -55.97 11.46 -8.09
N SER C 415 -56.42 10.89 -9.21
CA SER C 415 -56.31 9.45 -9.41
C SER C 415 -54.92 9.04 -9.88
N TRP C 416 -54.24 9.90 -10.63
CA TRP C 416 -52.92 9.58 -11.17
C TRP C 416 -51.77 10.19 -10.37
N ASP C 417 -52.06 10.93 -9.30
CA ASP C 417 -50.99 11.49 -8.49
C ASP C 417 -50.02 10.42 -8.01
N HIS C 418 -50.53 9.27 -7.56
CA HIS C 418 -49.66 8.24 -7.03
C HIS C 418 -48.67 7.74 -8.07
N VAL C 419 -49.04 7.78 -9.35
CA VAL C 419 -48.11 7.37 -10.40
C VAL C 419 -46.90 8.29 -10.42
N CYS C 420 -47.08 9.55 -10.02
CA CYS C 420 -45.94 10.47 -9.96
C CYS C 420 -44.87 9.96 -9.00
N ILE C 421 -45.26 9.67 -7.76
CA ILE C 421 -44.28 9.17 -6.80
C ILE C 421 -43.79 7.78 -7.20
N ALA C 422 -44.65 6.97 -7.83
CA ALA C 422 -44.21 5.67 -8.30
C ALA C 422 -43.07 5.80 -9.29
N LEU C 423 -43.21 6.68 -10.28
CA LEU C 423 -42.15 6.87 -11.26
C LEU C 423 -40.95 7.57 -10.64
N ALA C 424 -41.17 8.44 -9.65
CA ALA C 424 -40.05 9.07 -8.96
C ALA C 424 -39.20 8.03 -8.25
N SER C 425 -39.83 7.03 -7.66
CA SER C 425 -39.08 5.96 -7.00
C SER C 425 -38.46 5.01 -8.01
N ALA C 426 -39.15 4.77 -9.13
CA ALA C 426 -38.55 3.99 -10.21
C ALA C 426 -37.29 4.66 -10.74
N ASN C 427 -37.25 5.99 -10.71
CA ASN C 427 -36.04 6.69 -11.12
C ASN C 427 -34.87 6.36 -10.21
N SER C 428 -35.10 6.41 -8.89
CA SER C 428 -34.06 6.03 -7.95
C SER C 428 -33.67 4.57 -8.11
N CYS C 429 -34.60 3.69 -8.42
CA CYS C 429 -34.28 2.29 -8.68
C CYS C 429 -33.49 2.08 -9.94
N PHE C 430 -33.66 2.94 -10.95
CA PHE C 430 -32.91 2.81 -12.19
C PHE C 430 -31.56 3.53 -12.14
N ASN C 431 -31.39 4.50 -11.24
CA ASN C 431 -30.14 5.25 -11.22
C ASN C 431 -28.91 4.36 -11.04
N PRO C 432 -28.90 3.37 -10.15
CA PRO C 432 -27.71 2.52 -10.02
C PRO C 432 -27.30 1.85 -11.31
N PHE C 433 -28.21 1.70 -12.27
CA PHE C 433 -27.90 1.05 -13.54
C PHE C 433 -27.41 2.01 -14.61
N LEU C 434 -27.46 3.32 -14.35
CA LEU C 434 -27.05 4.32 -15.34
C LEU C 434 -25.77 5.06 -14.97
N TYR C 435 -25.31 4.95 -13.72
CA TYR C 435 -24.10 5.64 -13.27
C TYR C 435 -23.02 4.68 -12.80
N ALA C 436 -23.35 3.76 -11.90
CA ALA C 436 -22.33 2.90 -11.31
C ALA C 436 -21.96 1.75 -12.24
N LEU C 437 -22.96 1.00 -12.73
CA LEU C 437 -22.68 -0.20 -13.49
C LEU C 437 -22.07 0.10 -14.86
N LEU C 438 -22.12 1.34 -15.33
CA LEU C 438 -21.53 1.66 -16.62
C LEU C 438 -20.01 1.62 -16.59
N GLY C 439 -19.39 1.77 -15.43
CA GLY C 439 -17.94 1.73 -15.37
C GLY C 439 -17.42 0.35 -15.67
N LYS C 440 -16.29 0.30 -16.38
CA LYS C 440 -15.68 -0.99 -16.71
C LYS C 440 -15.03 -1.64 -15.50
N ASP C 441 -14.60 -0.85 -14.53
CA ASP C 441 -13.95 -1.39 -13.34
C ASP C 441 -14.94 -1.84 -12.27
N PHE C 442 -16.08 -1.16 -12.15
CA PHE C 442 -17.04 -1.53 -11.13
C PHE C 442 -17.73 -2.85 -11.46
N ARG C 443 -18.01 -3.09 -12.75
CA ARG C 443 -18.66 -4.34 -13.13
C ARG C 443 -17.77 -5.54 -12.83
N LYS C 444 -16.46 -5.41 -13.03
CA LYS C 444 -15.54 -6.51 -12.73
C LYS C 444 -15.63 -6.88 -11.26
N LYS C 445 -15.51 -5.89 -10.37
CA LYS C 445 -15.56 -6.17 -8.93
C LYS C 445 -16.93 -6.70 -8.52
N ALA C 446 -17.99 -6.19 -9.13
CA ALA C 446 -19.33 -6.67 -8.81
C ALA C 446 -19.48 -8.14 -9.17
N ARG C 447 -19.07 -8.51 -10.38
CA ARG C 447 -19.16 -9.91 -10.80
C ARG C 447 -18.27 -10.79 -9.93
N GLN C 448 -17.08 -10.30 -9.57
CA GLN C 448 -16.20 -11.08 -8.71
C GLN C 448 -16.84 -11.34 -7.35
N SER C 449 -17.44 -10.31 -6.76
CA SER C 449 -18.09 -10.47 -5.47
C SER C 449 -19.29 -11.41 -5.58
N ILE C 450 -20.05 -11.32 -6.68
CA ILE C 450 -21.19 -12.21 -6.86
C ILE C 450 -20.71 -13.66 -6.95
N GLN C 451 -19.67 -13.91 -7.74
CA GLN C 451 -19.13 -15.25 -7.85
C GLN C 451 -18.63 -15.75 -6.50
N GLY C 452 -18.00 -14.87 -5.73
CA GLY C 452 -17.52 -15.26 -4.40
C GLY C 452 -18.66 -15.66 -3.48
N ILE C 453 -19.71 -14.84 -3.44
CA ILE C 453 -20.86 -15.16 -2.59
C ILE C 453 -21.52 -16.44 -3.06
N LEU C 454 -21.80 -16.54 -4.35
CA LEU C 454 -22.43 -17.72 -4.93
C LEU C 454 -21.50 -18.93 -4.80
N SER D 7 37.67 -16.21 -26.82
CA SER D 7 37.80 -17.58 -27.38
C SER D 7 37.81 -18.63 -26.27
N ILE D 8 38.89 -18.65 -25.50
CA ILE D 8 39.02 -19.61 -24.39
C ILE D 8 38.57 -19.04 -23.06
N ALA D 9 38.26 -17.73 -23.00
CA ALA D 9 37.83 -17.13 -21.74
C ALA D 9 36.52 -17.75 -21.26
N GLN D 10 35.50 -17.69 -22.10
CA GLN D 10 34.18 -18.24 -21.76
C GLN D 10 34.02 -19.69 -22.17
N ALA D 11 34.99 -20.27 -22.88
CA ALA D 11 34.92 -21.66 -23.33
C ALA D 11 35.68 -22.59 -22.39
N ARG D 12 36.97 -22.32 -22.16
CA ARG D 12 37.75 -23.18 -21.28
C ARG D 12 37.27 -23.07 -19.84
N LYS D 13 36.84 -21.89 -19.42
CA LYS D 13 36.34 -21.72 -18.05
C LYS D 13 35.09 -22.57 -17.83
N LEU D 14 34.20 -22.61 -18.81
CA LEU D 14 33.00 -23.43 -18.69
C LEU D 14 33.35 -24.90 -18.56
N VAL D 15 34.30 -25.39 -19.37
CA VAL D 15 34.70 -26.78 -19.30
C VAL D 15 35.33 -27.08 -17.94
N GLU D 16 36.17 -26.16 -17.44
CA GLU D 16 36.79 -26.36 -16.14
C GLU D 16 35.73 -26.45 -15.05
N GLN D 17 34.77 -25.52 -15.05
CA GLN D 17 33.71 -25.54 -14.06
C GLN D 17 32.90 -26.82 -14.14
N LEU D 18 32.57 -27.27 -15.35
CA LEU D 18 31.74 -28.46 -15.50
C LEU D 18 32.49 -29.71 -15.08
N LYS D 19 33.80 -29.78 -15.33
CA LYS D 19 34.56 -30.97 -14.93
C LYS D 19 34.85 -30.98 -13.43
N MET D 20 35.02 -29.82 -12.81
CA MET D 20 35.23 -29.78 -11.37
C MET D 20 33.94 -29.94 -10.59
N GLU D 21 32.79 -29.62 -11.19
CA GLU D 21 31.51 -29.79 -10.52
C GLU D 21 31.04 -31.24 -10.56
N ALA D 22 31.47 -32.00 -11.57
CA ALA D 22 31.05 -33.39 -11.69
C ALA D 22 31.75 -34.32 -10.71
N ASN D 23 32.87 -33.88 -10.13
CA ASN D 23 33.63 -34.71 -9.20
C ASN D 23 33.00 -34.78 -7.82
N ILE D 24 31.83 -34.17 -7.61
CA ILE D 24 31.18 -34.22 -6.30
C ILE D 24 30.62 -35.61 -6.04
N ASP D 25 30.44 -35.91 -4.75
CA ASP D 25 29.86 -37.18 -4.36
C ASP D 25 28.35 -37.15 -4.51
N ARG D 26 27.77 -38.32 -4.75
CA ARG D 26 26.33 -38.47 -4.95
C ARG D 26 25.78 -39.46 -3.94
N ILE D 27 24.70 -39.09 -3.27
CA ILE D 27 24.06 -39.92 -2.27
C ILE D 27 22.82 -40.56 -2.90
N LYS D 28 22.51 -41.77 -2.45
CA LYS D 28 21.35 -42.48 -2.97
C LYS D 28 20.08 -41.66 -2.76
N VAL D 29 19.19 -41.69 -3.75
CA VAL D 29 17.95 -40.94 -3.65
C VAL D 29 17.05 -41.51 -2.56
N SER D 30 17.10 -42.83 -2.35
CA SER D 30 16.28 -43.43 -1.31
C SER D 30 16.68 -42.92 0.07
N LYS D 31 17.99 -42.81 0.33
CA LYS D 31 18.44 -42.30 1.61
C LYS D 31 18.00 -40.86 1.82
N ALA D 32 18.10 -40.03 0.78
CA ALA D 32 17.66 -38.65 0.89
C ALA D 32 16.16 -38.56 1.17
N ALA D 33 15.37 -39.38 0.47
CA ALA D 33 13.93 -39.38 0.70
C ALA D 33 13.60 -39.81 2.12
N ALA D 34 14.28 -40.86 2.61
CA ALA D 34 14.06 -41.31 3.97
C ALA D 34 14.42 -40.23 4.98
N ASP D 35 15.55 -39.54 4.76
CA ASP D 35 15.94 -38.47 5.68
C ASP D 35 14.94 -37.33 5.68
N LEU D 36 14.46 -36.95 4.49
CA LEU D 36 13.46 -35.88 4.41
C LEU D 36 12.18 -36.29 5.12
N MET D 37 11.73 -37.53 4.93
CA MET D 37 10.52 -37.99 5.60
C MET D 37 10.71 -38.00 7.11
N ALA D 38 11.87 -38.46 7.58
CA ALA D 38 12.12 -38.48 9.02
C ALA D 38 12.14 -37.06 9.59
N TYR D 39 12.76 -36.13 8.87
CA TYR D 39 12.81 -34.75 9.35
C TYR D 39 11.40 -34.14 9.39
N CYS D 40 10.59 -34.41 8.37
CA CYS D 40 9.23 -33.88 8.36
C CYS D 40 8.37 -34.50 9.45
N GLU D 41 8.59 -35.78 9.76
CA GLU D 41 7.79 -36.44 10.79
C GLU D 41 8.23 -36.04 12.20
N ALA D 42 9.52 -35.76 12.40
CA ALA D 42 10.00 -35.39 13.72
C ALA D 42 9.38 -34.07 14.18
N HIS D 43 9.36 -33.08 13.30
CA HIS D 43 8.81 -31.76 13.61
C HIS D 43 7.33 -31.65 13.27
N ALA D 44 6.63 -32.78 13.17
CA ALA D 44 5.20 -32.74 12.86
C ALA D 44 4.41 -32.07 13.97
N LYS D 45 4.83 -32.28 15.22
CA LYS D 45 4.14 -31.69 16.36
C LYS D 45 4.53 -30.24 16.62
N GLU D 46 5.61 -29.75 16.00
CA GLU D 46 6.06 -28.38 16.16
C GLU D 46 5.73 -27.51 14.95
N ASP D 47 4.66 -27.84 14.23
CA ASP D 47 4.22 -27.09 13.06
C ASP D 47 2.83 -26.52 13.34
N PRO D 48 2.74 -25.27 13.83
CA PRO D 48 1.42 -24.70 14.09
C PRO D 48 0.50 -24.66 12.87
N LEU D 49 1.07 -24.64 11.66
CA LEU D 49 0.25 -24.60 10.46
C LEU D 49 -0.25 -25.99 10.06
N LEU D 50 0.50 -27.03 10.39
CA LEU D 50 0.09 -28.39 10.02
C LEU D 50 -1.14 -28.81 10.80
N THR D 51 -1.13 -28.60 12.12
CA THR D 51 -2.24 -28.97 12.99
C THR D 51 -2.97 -27.72 13.49
N PRO D 52 -4.26 -27.84 13.81
CA PRO D 52 -4.99 -26.65 14.30
C PRO D 52 -4.54 -26.23 15.69
N VAL D 53 -3.91 -25.05 15.77
CA VAL D 53 -3.44 -24.53 17.05
C VAL D 53 -4.59 -23.85 17.76
N PRO D 54 -4.78 -24.07 19.06
CA PRO D 54 -5.90 -23.44 19.76
C PRO D 54 -5.67 -21.94 19.94
N ALA D 55 -6.77 -21.24 20.23
CA ALA D 55 -6.70 -19.79 20.42
C ALA D 55 -5.93 -19.41 21.67
N SER D 56 -5.78 -20.33 22.63
CA SER D 56 -5.07 -20.01 23.86
C SER D 56 -3.62 -19.67 23.58
N GLU D 57 -2.98 -20.43 22.68
CA GLU D 57 -1.58 -20.21 22.34
C GLU D 57 -1.39 -19.36 21.10
N ASN D 58 -2.38 -19.30 20.21
CA ASN D 58 -2.26 -18.50 19.00
C ASN D 58 -2.32 -17.02 19.35
N PRO D 59 -1.27 -16.24 19.06
CA PRO D 59 -1.32 -14.80 19.36
C PRO D 59 -2.28 -14.02 18.48
N PHE D 60 -2.58 -14.51 17.28
CA PHE D 60 -3.49 -13.83 16.37
C PHE D 60 -4.96 -14.09 16.70
N ARG D 61 -5.24 -15.07 17.57
CA ARG D 61 -6.62 -15.36 17.92
C ARG D 61 -7.28 -14.16 18.58
N GLU D 62 -8.50 -13.85 18.16
CA GLU D 62 -9.25 -12.72 18.70
C GLU D 62 -9.62 -12.97 20.16
N VAL E 1 22.82 14.72 20.80
CA VAL E 1 21.61 14.74 21.66
C VAL E 1 21.87 15.56 22.92
N GLN E 2 21.20 16.71 23.02
CA GLN E 2 21.36 17.59 24.17
C GLN E 2 20.05 18.34 24.40
N LEU E 3 19.76 18.62 25.67
CA LEU E 3 18.57 19.36 26.07
C LEU E 3 19.00 20.47 27.02
N VAL E 4 18.99 21.70 26.54
CA VAL E 4 19.41 22.87 27.32
C VAL E 4 18.13 23.53 27.84
N GLU E 5 17.86 23.35 29.13
CA GLU E 5 16.70 23.94 29.77
C GLU E 5 17.03 25.33 30.30
N SER E 6 16.05 26.22 30.23
CA SER E 6 16.23 27.59 30.69
C SER E 6 14.90 28.11 31.25
N GLY E 7 15.01 29.14 32.08
CA GLY E 7 13.86 29.75 32.70
C GLY E 7 13.73 29.56 34.19
N GLY E 8 14.81 29.20 34.88
CA GLY E 8 14.77 28.98 36.32
C GLY E 8 14.89 30.27 37.10
N GLY E 9 15.44 30.16 38.30
CA GLY E 9 15.63 31.31 39.16
C GLY E 9 14.57 31.38 40.25
N LEU E 10 14.60 32.51 40.96
CA LEU E 10 13.65 32.75 42.04
C LEU E 10 12.32 33.24 41.48
N VAL E 11 11.26 33.08 42.28
CA VAL E 11 9.93 33.51 41.90
C VAL E 11 9.09 33.61 43.16
N GLN E 12 8.25 34.64 43.22
CA GLN E 12 7.41 34.87 44.39
C GLN E 12 6.17 33.98 44.33
N PRO E 13 5.50 33.78 45.47
CA PRO E 13 4.28 32.96 45.47
C PRO E 13 3.22 33.53 44.54
N GLY E 14 2.47 32.63 43.91
CA GLY E 14 1.40 33.02 43.00
C GLY E 14 1.87 33.56 41.67
N GLY E 15 3.17 33.65 41.43
CA GLY E 15 3.67 34.17 40.18
C GLY E 15 3.51 33.16 39.05
N SER E 16 4.16 33.48 37.93
CA SER E 16 4.12 32.64 36.75
C SER E 16 5.52 32.58 36.13
N ARG E 17 5.82 31.45 35.50
CA ARG E 17 7.11 31.24 34.87
C ARG E 17 6.93 30.36 33.65
N LYS E 18 7.74 30.61 32.62
CA LYS E 18 7.67 29.87 31.36
C LYS E 18 9.03 29.21 31.14
N LEU E 19 9.12 27.91 31.40
CA LEU E 19 10.35 27.17 31.19
C LEU E 19 10.47 26.78 29.72
N SER E 20 11.64 27.01 29.15
CA SER E 20 11.92 26.71 27.75
C SER E 20 13.08 25.73 27.66
N CYS E 21 13.02 24.86 26.64
CA CYS E 21 14.07 23.88 26.40
C CYS E 21 14.20 23.68 24.90
N SER E 22 15.42 23.85 24.38
CA SER E 22 15.70 23.70 22.96
C SER E 22 16.28 22.32 22.72
N ALA E 23 15.66 21.56 21.82
CA ALA E 23 16.11 20.22 21.48
C ALA E 23 17.04 20.27 20.28
N SER E 24 18.06 19.42 20.30
CA SER E 24 19.02 19.35 19.21
C SER E 24 19.62 17.95 19.17
N GLY E 25 20.04 17.54 17.97
CA GLY E 25 20.64 16.24 17.77
C GLY E 25 19.67 15.12 17.45
N PHE E 26 18.36 15.36 17.54
CA PHE E 26 17.37 14.34 17.25
C PHE E 26 16.10 15.01 16.76
N ALA E 27 15.17 14.20 16.29
CA ALA E 27 13.90 14.68 15.77
C ALA E 27 12.98 14.98 16.95
N PHE E 28 12.84 16.27 17.27
CA PHE E 28 12.01 16.66 18.41
C PHE E 28 10.53 16.36 18.14
N SER E 29 10.11 16.37 16.87
CA SER E 29 8.71 16.15 16.55
C SER E 29 8.31 14.70 16.83
N SER E 30 9.20 13.75 16.54
CA SER E 30 8.86 12.34 16.69
C SER E 30 8.90 11.89 18.15
N PHE E 31 9.75 12.51 18.97
CA PHE E 31 9.89 12.13 20.37
C PHE E 31 8.92 12.91 21.24
N GLY E 32 8.32 12.20 22.20
CA GLY E 32 7.49 12.84 23.21
C GLY E 32 8.32 13.33 24.38
N MET E 33 7.82 14.37 25.04
CA MET E 33 8.55 15.04 26.11
C MET E 33 7.89 14.78 27.45
N HIS E 34 8.73 14.58 28.47
CA HIS E 34 8.27 14.37 29.84
C HIS E 34 8.95 15.39 30.75
N TRP E 35 8.20 15.83 31.77
CA TRP E 35 8.71 16.75 32.79
C TRP E 35 8.76 16.00 34.11
N VAL E 36 9.97 15.80 34.64
CA VAL E 36 10.19 15.08 35.88
C VAL E 36 10.72 16.07 36.91
N ARG E 37 9.95 16.28 37.98
CA ARG E 37 10.32 17.21 39.03
C ARG E 37 11.00 16.47 40.17
N GLN E 38 11.99 17.13 40.78
CA GLN E 38 12.74 16.56 41.89
C GLN E 38 13.07 17.67 42.88
N ALA E 39 12.59 17.52 44.11
CA ALA E 39 12.83 18.52 45.14
C ALA E 39 14.19 18.30 45.79
N PRO E 40 14.73 19.32 46.47
CA PRO E 40 16.04 19.15 47.11
C PRO E 40 16.08 18.02 48.13
N GLU E 41 14.94 17.61 48.68
CA GLU E 41 14.88 16.55 49.68
C GLU E 41 13.79 15.55 49.32
N LYS E 42 13.63 15.27 48.04
CA LYS E 42 12.64 14.31 47.57
C LYS E 42 13.12 13.68 46.28
N GLY E 43 12.46 12.59 45.90
CA GLY E 43 12.81 11.88 44.69
C GLY E 43 12.13 12.45 43.46
N LEU E 44 12.29 11.74 42.36
CA LEU E 44 11.69 12.16 41.10
C LEU E 44 10.18 12.22 41.22
N GLU E 45 9.56 12.96 40.30
CA GLU E 45 8.11 13.11 40.29
C GLU E 45 7.67 13.55 38.91
N TRP E 46 6.69 12.83 38.34
CA TRP E 46 6.19 13.17 37.02
C TRP E 46 5.27 14.38 37.08
N VAL E 47 5.40 15.26 36.10
CA VAL E 47 4.64 16.51 36.04
C VAL E 47 3.59 16.46 34.93
N ALA E 48 4.02 16.28 33.68
CA ALA E 48 3.11 16.27 32.56
C ALA E 48 3.74 15.49 31.41
N TYR E 49 2.96 15.28 30.36
CA TYR E 49 3.41 14.56 29.18
C TYR E 49 2.65 15.05 27.97
N ILE E 50 3.35 15.14 26.83
CA ILE E 50 2.77 15.55 25.57
C ILE E 50 3.25 14.59 24.48
N SER E 51 2.33 14.18 23.61
CA SER E 51 2.65 13.21 22.57
C SER E 51 3.30 13.91 21.37
N SER E 52 3.70 13.12 20.38
CA SER E 52 4.33 13.68 19.19
C SER E 52 3.37 14.59 18.43
N GLY E 53 2.11 14.18 18.30
CA GLY E 53 1.13 14.97 17.59
C GLY E 53 0.46 16.02 18.44
N SER E 54 1.05 16.32 19.60
CA SER E 54 0.52 17.31 20.52
C SER E 54 -0.90 16.96 20.98
N GLY E 55 -1.20 15.66 21.04
CA GLY E 55 -2.49 15.19 21.46
C GLY E 55 -2.39 14.33 22.71
N THR E 56 -3.55 14.11 23.35
CA THR E 56 -3.64 13.32 24.57
C THR E 56 -2.69 13.86 25.64
N ILE E 57 -2.82 15.14 25.93
CA ILE E 57 -2.00 15.80 26.94
C ILE E 57 -2.60 15.51 28.31
N TYR E 58 -1.84 14.84 29.16
CA TYR E 58 -2.26 14.47 30.50
C TYR E 58 -1.36 15.11 31.53
N TYR E 59 -1.94 15.49 32.67
CA TYR E 59 -1.21 16.13 33.76
C TYR E 59 -1.43 15.34 35.04
N ALA E 60 -0.53 15.57 36.01
CA ALA E 60 -0.65 14.91 37.30
C ALA E 60 -1.69 15.60 38.17
N ASP E 61 -2.11 14.90 39.22
CA ASP E 61 -3.13 15.45 40.10
C ASP E 61 -2.60 16.67 40.86
N THR E 62 -1.33 16.63 41.28
CA THR E 62 -0.76 17.75 42.02
C THR E 62 -0.68 19.01 41.17
N VAL E 63 -0.68 18.88 39.84
CA VAL E 63 -0.61 20.03 38.95
C VAL E 63 -1.74 19.95 37.93
N LYS E 64 -2.79 19.20 38.26
CA LYS E 64 -3.91 19.03 37.35
C LYS E 64 -4.63 20.35 37.14
N GLY E 65 -4.61 20.85 35.90
CA GLY E 65 -5.30 22.06 35.54
C GLY E 65 -4.55 23.35 35.82
N ARG E 66 -3.61 23.35 36.76
CA ARG E 66 -2.88 24.58 37.08
C ARG E 66 -1.77 24.87 36.09
N PHE E 67 -1.10 23.83 35.58
CA PHE E 67 -0.02 23.98 34.61
C PHE E 67 -0.47 23.49 33.24
N THR E 68 0.23 23.95 32.21
CA THR E 68 -0.05 23.55 30.84
C THR E 68 1.27 23.42 30.09
N ILE E 69 1.30 22.47 29.14
CA ILE E 69 2.49 22.17 28.36
C ILE E 69 2.20 22.40 26.90
N SER E 70 3.17 22.97 26.18
CA SER E 70 3.04 23.23 24.76
C SER E 70 4.39 23.00 24.09
N ARG E 71 4.36 22.76 22.79
CA ARG E 71 5.56 22.49 22.02
C ARG E 71 5.44 23.12 20.64
N ASP E 72 6.59 23.35 20.01
CA ASP E 72 6.67 23.95 18.68
C ASP E 72 7.40 22.98 17.77
N ASP E 73 6.68 22.39 16.79
CA ASP E 73 7.31 21.45 15.88
C ASP E 73 8.34 22.13 15.00
N PRO E 74 8.01 23.16 14.22
CA PRO E 74 9.03 23.78 13.36
C PRO E 74 10.15 24.46 14.13
N LYS E 75 9.91 24.85 15.39
CA LYS E 75 10.92 25.52 16.18
C LYS E 75 11.73 24.56 17.04
N ASN E 76 11.22 23.37 17.31
CA ASN E 76 11.91 22.37 18.13
C ASN E 76 12.27 22.95 19.50
N THR E 77 11.24 23.42 20.20
CA THR E 77 11.40 24.00 21.52
C THR E 77 10.18 23.65 22.36
N LEU E 78 10.43 23.16 23.58
CA LEU E 78 9.37 22.78 24.50
C LEU E 78 9.11 23.90 25.49
N PHE E 79 7.83 24.19 25.73
CA PHE E 79 7.42 25.26 26.62
C PHE E 79 6.51 24.69 27.71
N LEU E 80 6.70 25.18 28.93
CA LEU E 80 5.89 24.77 30.08
C LEU E 80 5.44 26.03 30.80
N GLN E 81 4.19 26.43 30.57
CA GLN E 81 3.63 27.64 31.18
C GLN E 81 2.98 27.27 32.51
N MET E 82 3.51 27.83 33.59
CA MET E 82 3.01 27.59 34.94
C MET E 82 2.35 28.86 35.47
N THR E 83 1.18 28.71 36.07
CA THR E 83 0.43 29.83 36.62
C THR E 83 0.06 29.53 38.06
N SER E 84 -0.02 30.59 38.88
CA SER E 84 -0.36 30.47 40.29
C SER E 84 0.56 29.46 40.99
N LEU E 85 1.86 29.62 40.76
CA LEU E 85 2.84 28.71 41.33
C LEU E 85 2.77 28.77 42.86
N ARG E 86 2.75 27.59 43.48
CA ARG E 86 2.66 27.47 44.93
C ARG E 86 4.03 27.20 45.53
N SER E 87 4.13 27.39 46.85
CA SER E 87 5.40 27.16 47.54
C SER E 87 5.79 25.69 47.49
N GLU E 88 4.82 24.78 47.52
CA GLU E 88 5.13 23.36 47.48
C GLU E 88 5.77 22.94 46.16
N ASP E 89 5.62 23.75 45.11
CA ASP E 89 6.19 23.41 43.80
C ASP E 89 7.66 23.78 43.69
N THR E 90 8.28 24.28 44.75
CA THR E 90 9.70 24.63 44.72
C THR E 90 10.53 23.37 44.54
N ALA E 91 11.13 23.21 43.36
CA ALA E 91 11.93 22.04 43.04
C ALA E 91 12.55 22.24 41.67
N MET E 92 13.46 21.34 41.31
CA MET E 92 14.12 21.36 40.01
C MET E 92 13.36 20.48 39.03
N TYR E 93 13.30 20.92 37.78
CA TYR E 93 12.56 20.23 36.73
C TYR E 93 13.53 19.64 35.72
N TYR E 94 13.28 18.40 35.32
CA TYR E 94 14.06 17.71 34.31
C TYR E 94 13.22 17.49 33.05
N CYS E 95 13.85 17.59 31.89
CA CYS E 95 13.20 17.36 30.61
C CYS E 95 13.70 16.04 30.05
N VAL E 96 12.77 15.16 29.69
CA VAL E 96 13.09 13.81 29.23
C VAL E 96 12.31 13.54 27.95
N ARG E 97 12.96 12.90 27.00
CA ARG E 97 12.33 12.50 25.75
C ARG E 97 11.82 11.06 25.83
N SER E 98 10.88 10.74 24.96
CA SER E 98 10.30 9.40 24.95
C SER E 98 9.72 9.12 23.57
N ILE E 99 9.95 7.90 23.08
CA ILE E 99 9.37 7.41 21.83
C ILE E 99 8.81 6.02 22.09
N TYR E 100 7.57 5.80 21.67
CA TYR E 100 6.84 4.57 22.00
C TYR E 100 6.65 3.74 20.74
N TYR E 101 7.27 2.56 20.72
CA TYR E 101 7.08 1.58 19.67
C TYR E 101 7.67 0.26 20.13
N TYR E 102 7.31 -0.82 19.42
CA TYR E 102 7.80 -2.14 19.78
C TYR E 102 9.32 -2.17 19.79
N GLY E 103 9.89 -2.41 20.96
CA GLY E 103 11.34 -2.43 21.11
C GLY E 103 11.94 -1.08 21.44
N SER E 104 11.14 -0.10 21.82
CA SER E 104 11.65 1.23 22.13
C SER E 104 12.27 1.26 23.52
N SER E 105 12.97 2.37 23.80
CA SER E 105 13.63 2.60 25.09
C SER E 105 13.25 4.00 25.56
N PRO E 106 12.05 4.17 26.10
CA PRO E 106 11.64 5.50 26.55
C PRO E 106 12.42 5.94 27.78
N PHE E 107 12.46 7.26 27.96
CA PHE E 107 13.21 7.86 29.07
C PHE E 107 14.68 7.50 29.00
N ASP E 108 15.25 7.52 27.79
CA ASP E 108 16.63 7.12 27.61
C ASP E 108 17.59 8.28 27.87
N PHE E 109 17.21 9.49 27.47
CA PHE E 109 18.06 10.67 27.61
C PHE E 109 17.41 11.64 28.58
N TRP E 110 18.20 12.16 29.51
CA TRP E 110 17.74 13.10 30.53
C TRP E 110 18.49 14.41 30.37
N GLY E 111 17.75 15.52 30.34
CA GLY E 111 18.35 16.83 30.22
C GLY E 111 19.10 17.23 31.48
N GLN E 112 19.61 18.47 31.44
CA GLN E 112 20.36 18.99 32.58
C GLN E 112 19.42 19.46 33.69
N GLY E 113 18.40 20.22 33.35
CA GLY E 113 17.46 20.70 34.34
C GLY E 113 17.82 22.06 34.90
N THR E 114 16.79 22.80 35.31
CA THR E 114 16.96 24.14 35.87
C THR E 114 16.28 24.17 37.24
N THR E 115 16.98 24.73 38.23
CA THR E 115 16.45 24.81 39.58
C THR E 115 15.46 25.95 39.69
N LEU E 116 14.27 25.66 40.19
CA LEU E 116 13.20 26.64 40.37
C LEU E 116 12.87 26.71 41.85
N THR E 117 13.23 27.82 42.49
CA THR E 117 13.00 28.04 43.91
C THR E 117 11.90 29.08 44.09
N VAL E 118 10.89 28.75 44.89
CA VAL E 118 9.78 29.64 45.18
C VAL E 118 10.05 30.35 46.50
N SER E 119 9.96 31.68 46.47
CA SER E 119 10.21 32.46 47.68
C SER E 119 9.20 32.10 48.76
N ALA E 120 9.61 32.28 50.01
CA ALA E 120 8.77 31.97 51.16
C ALA E 120 7.76 33.10 51.40
N SER E 135 -5.57 10.22 44.19
CA SER E 135 -5.56 8.91 44.84
C SER E 135 -5.71 7.79 43.81
N ALA E 136 -5.69 6.55 44.29
CA ALA E 136 -5.82 5.34 43.48
C ALA E 136 -4.64 5.15 42.53
N ASP E 137 -3.56 5.91 42.69
CA ASP E 137 -2.40 5.78 41.83
C ASP E 137 -1.50 4.64 42.32
N ILE E 138 -0.58 4.22 41.45
CA ILE E 138 0.35 3.15 41.79
C ILE E 138 1.31 3.64 42.86
N VAL E 139 1.46 2.86 43.93
CA VAL E 139 2.32 3.21 45.05
C VAL E 139 3.55 2.30 44.99
N MET E 140 4.73 2.93 44.89
CA MET E 140 6.00 2.21 44.87
C MET E 140 6.69 2.39 46.21
N THR E 141 7.02 1.28 46.86
CA THR E 141 7.65 1.30 48.17
C THR E 141 8.91 0.44 48.13
N GLN E 142 10.02 1.00 48.61
CA GLN E 142 11.29 0.31 48.68
C GLN E 142 11.56 -0.16 50.10
N ALA E 143 12.17 -1.33 50.22
CA ALA E 143 12.44 -1.89 51.55
C ALA E 143 13.50 -1.08 52.29
N THR E 144 14.59 -0.73 51.62
CA THR E 144 15.69 0.01 52.23
C THR E 144 15.98 1.25 51.40
N SER E 145 16.39 2.32 52.09
CA SER E 145 16.71 3.59 51.45
C SER E 145 18.20 3.82 51.26
N SER E 146 19.04 3.22 52.12
CA SER E 146 20.48 3.39 52.02
C SER E 146 21.16 2.11 52.49
N VAL E 147 22.16 1.67 51.74
CA VAL E 147 22.91 0.46 52.08
C VAL E 147 24.39 0.70 51.81
N PRO E 148 25.30 0.20 52.64
CA PRO E 148 26.73 0.38 52.36
C PRO E 148 27.21 -0.57 51.27
N VAL E 149 28.09 -0.05 50.42
CA VAL E 149 28.63 -0.80 49.29
C VAL E 149 30.14 -0.60 49.23
N THR E 150 30.82 -1.59 48.67
CA THR E 150 32.26 -1.55 48.49
C THR E 150 32.61 -1.94 47.06
N PRO E 151 33.70 -1.38 46.51
CA PRO E 151 34.08 -1.75 45.15
C PRO E 151 34.34 -3.25 45.02
N GLY E 152 33.95 -3.80 43.88
CA GLY E 152 34.15 -5.20 43.59
C GLY E 152 33.08 -6.13 44.11
N GLU E 153 32.30 -5.70 45.09
CA GLU E 153 31.26 -6.54 45.66
C GLU E 153 29.98 -6.47 44.83
N SER E 154 29.05 -7.36 45.15
CA SER E 154 27.76 -7.44 44.47
C SER E 154 26.65 -6.98 45.41
N VAL E 155 25.75 -6.15 44.89
CA VAL E 155 24.64 -5.60 45.66
C VAL E 155 23.35 -5.81 44.88
N SER E 156 22.23 -5.74 45.60
CA SER E 156 20.92 -5.92 45.02
C SER E 156 19.95 -4.91 45.64
N ILE E 157 19.09 -4.34 44.79
CA ILE E 157 18.08 -3.38 45.21
C ILE E 157 16.71 -3.98 44.95
N SER E 158 15.87 -4.01 45.97
CA SER E 158 14.53 -4.60 45.88
C SER E 158 13.48 -3.54 46.14
N CYS E 159 12.30 -3.73 45.55
CA CYS E 159 11.19 -2.81 45.71
C CYS E 159 9.89 -3.60 45.66
N ARG E 160 8.79 -2.90 45.89
CA ARG E 160 7.46 -3.50 45.87
C ARG E 160 6.47 -2.51 45.26
N SER E 161 5.40 -3.05 44.70
CA SER E 161 4.35 -2.24 44.08
C SER E 161 3.00 -2.63 44.66
N SER E 162 2.10 -1.65 44.76
CA SER E 162 0.78 -1.90 45.32
C SER E 162 -0.14 -2.63 44.35
N LYS E 163 0.21 -2.68 43.07
CA LYS E 163 -0.61 -3.37 42.07
C LYS E 163 0.32 -4.08 41.09
N SER E 164 -0.12 -5.25 40.63
CA SER E 164 0.66 -6.03 39.68
C SER E 164 0.84 -5.26 38.37
N LEU E 165 2.10 -5.04 37.99
CA LEU E 165 2.40 -4.33 36.75
C LEU E 165 2.40 -5.25 35.53
N LEU E 166 2.32 -6.56 35.72
CA LEU E 166 2.32 -7.50 34.61
C LEU E 166 1.00 -7.38 33.86
N HIS E 167 1.05 -6.84 32.64
CA HIS E 167 -0.13 -6.66 31.83
C HIS E 167 -0.45 -7.94 31.05
N SER E 168 -1.69 -8.03 30.57
CA SER E 168 -2.13 -9.22 29.85
C SER E 168 -1.22 -9.52 28.66
N ASN E 169 -0.61 -8.49 28.07
CA ASN E 169 0.27 -8.69 26.93
C ASN E 169 1.63 -9.28 27.31
N GLY E 170 1.87 -9.52 28.61
CA GLY E 170 3.12 -10.09 29.06
C GLY E 170 4.19 -9.08 29.39
N ASN E 171 4.02 -7.81 29.01
CA ASN E 171 5.02 -6.79 29.27
C ASN E 171 4.84 -6.23 30.69
N THR E 172 5.96 -5.92 31.33
CA THR E 172 5.98 -5.34 32.67
C THR E 172 6.50 -3.92 32.58
N TYR E 173 5.66 -2.95 32.95
CA TYR E 173 6.02 -1.53 32.85
C TYR E 173 6.76 -1.09 34.10
N LEU E 174 8.06 -1.42 34.12
CA LEU E 174 8.95 -1.04 35.22
C LEU E 174 10.26 -0.56 34.62
N TYR E 175 10.64 0.68 34.94
CA TYR E 175 11.87 1.28 34.46
C TYR E 175 12.72 1.72 35.64
N TRP E 176 14.02 1.44 35.56
CA TRP E 176 14.98 1.81 36.60
C TRP E 176 15.86 2.95 36.11
N PHE E 177 16.26 3.82 37.03
CA PHE E 177 17.09 4.96 36.72
C PHE E 177 18.16 5.11 37.79
N LEU E 178 19.27 5.74 37.41
CA LEU E 178 20.39 6.00 38.31
C LEU E 178 20.80 7.45 38.17
N GLN E 179 20.79 8.18 39.28
CA GLN E 179 21.14 9.60 39.31
C GLN E 179 22.44 9.75 40.08
N ARG E 180 23.53 9.97 39.35
CA ARG E 180 24.82 10.17 39.99
C ARG E 180 24.89 11.56 40.61
N PRO E 181 25.73 11.75 41.63
CA PRO E 181 25.84 13.07 42.26
C PRO E 181 26.36 14.11 41.29
N GLY E 182 25.53 15.09 40.98
CA GLY E 182 25.88 16.13 40.05
C GLY E 182 25.51 15.86 38.60
N GLN E 183 24.75 14.80 38.33
CA GLN E 183 24.35 14.44 36.98
C GLN E 183 22.87 14.07 36.98
N SER E 184 22.30 14.03 35.78
CA SER E 184 20.89 13.70 35.62
C SER E 184 20.70 12.18 35.61
N PRO E 185 19.48 11.71 35.86
CA PRO E 185 19.24 10.27 35.85
C PRO E 185 19.57 9.65 34.49
N GLN E 186 19.79 8.33 34.52
CA GLN E 186 20.11 7.58 33.31
C GLN E 186 19.37 6.25 33.34
N LEU E 187 18.82 5.85 32.20
CA LEU E 187 18.07 4.61 32.11
C LEU E 187 19.03 3.42 32.14
N LEU E 188 18.84 2.55 33.14
CA LEU E 188 19.67 1.34 33.25
C LEU E 188 19.01 0.15 32.58
N ILE E 189 17.80 -0.21 33.01
CA ILE E 189 17.08 -1.36 32.48
C ILE E 189 15.60 -0.99 32.38
N TYR E 190 15.00 -1.26 31.22
CA TYR E 190 13.59 -1.01 30.99
C TYR E 190 12.88 -2.35 30.75
N ARG E 191 11.74 -2.54 31.41
CA ARG E 191 10.95 -3.76 31.36
C ARG E 191 11.69 -4.96 31.95
N MET E 192 12.80 -4.75 32.66
CA MET E 192 13.54 -5.77 33.37
C MET E 192 14.09 -6.85 32.44
N SER E 193 14.06 -6.65 31.13
CA SER E 193 14.53 -7.63 30.17
C SER E 193 15.57 -7.09 29.20
N ASN E 194 15.44 -5.83 28.78
CA ASN E 194 16.35 -5.22 27.83
C ASN E 194 17.09 -4.07 28.48
N LEU E 195 18.41 -4.04 28.32
CA LEU E 195 19.24 -2.99 28.87
C LEU E 195 19.32 -1.81 27.92
N ALA E 196 19.44 -0.61 28.48
CA ALA E 196 19.51 0.59 27.67
C ALA E 196 20.88 0.68 26.97
N SER E 197 20.93 1.50 25.93
CA SER E 197 22.16 1.66 25.17
C SER E 197 23.23 2.32 26.04
N GLY E 198 24.45 1.79 25.94
CA GLY E 198 25.58 2.32 26.69
C GLY E 198 25.68 1.81 28.13
N VAL E 199 24.69 1.08 28.61
CA VAL E 199 24.72 0.58 29.98
C VAL E 199 25.55 -0.70 30.01
N PRO E 200 26.50 -0.86 30.94
CA PRO E 200 27.26 -2.10 31.01
C PRO E 200 26.35 -3.30 31.19
N ASP E 201 26.83 -4.46 30.73
CA ASP E 201 26.06 -5.70 30.79
C ASP E 201 26.07 -6.33 32.18
N ARG E 202 26.82 -5.77 33.13
CA ARG E 202 26.87 -6.32 34.48
C ARG E 202 25.62 -6.03 35.29
N PHE E 203 24.67 -5.27 34.76
CA PHE E 203 23.42 -4.99 35.43
C PHE E 203 22.37 -6.01 35.04
N SER E 204 21.58 -6.45 36.02
CA SER E 204 20.55 -7.46 35.81
C SER E 204 19.35 -7.13 36.67
N GLY E 205 18.15 -7.39 36.11
CA GLY E 205 16.92 -7.14 36.83
C GLY E 205 15.99 -8.34 36.74
N SER E 206 15.08 -8.41 37.69
CA SER E 206 14.12 -9.50 37.76
C SER E 206 12.84 -9.00 38.42
N GLY E 207 11.81 -9.84 38.35
CA GLY E 207 10.52 -9.49 38.93
C GLY E 207 9.59 -10.67 38.92
N SER E 208 8.56 -10.58 39.77
CA SER E 208 7.57 -11.63 39.89
C SER E 208 6.15 -11.13 39.78
N GLY E 209 5.97 -10.00 39.12
CA GLY E 209 4.64 -9.42 38.95
C GLY E 209 4.32 -8.36 39.99
N THR E 210 4.72 -8.60 41.23
CA THR E 210 4.50 -7.66 42.32
C THR E 210 5.81 -7.24 42.99
N ALA E 211 6.74 -8.15 43.19
CA ALA E 211 8.04 -7.84 43.76
C ALA E 211 9.08 -7.77 42.66
N PHE E 212 9.99 -6.81 42.78
CA PHE E 212 11.03 -6.58 41.78
C PHE E 212 12.38 -6.43 42.47
N THR E 213 13.44 -6.75 41.73
CA THR E 213 14.80 -6.67 42.25
C THR E 213 15.74 -6.22 41.14
N LEU E 214 16.77 -5.47 41.54
CA LEU E 214 17.79 -4.99 40.62
C LEU E 214 19.15 -5.39 41.17
N THR E 215 19.85 -6.26 40.45
CA THR E 215 21.15 -6.78 40.87
C THR E 215 22.26 -6.07 40.10
N ILE E 216 23.25 -5.58 40.83
CA ILE E 216 24.40 -4.90 40.25
C ILE E 216 25.64 -5.69 40.65
N SER E 217 26.27 -6.35 39.68
CA SER E 217 27.46 -7.14 39.90
C SER E 217 28.70 -6.35 39.53
N ARG E 218 29.78 -6.58 40.29
CA ARG E 218 31.05 -5.89 40.09
C ARG E 218 30.87 -4.37 40.19
N LEU E 219 30.43 -3.94 41.38
CA LEU E 219 30.20 -2.53 41.61
C LEU E 219 31.49 -1.74 41.44
N GLU E 220 31.36 -0.53 40.90
CA GLU E 220 32.50 0.35 40.64
C GLU E 220 32.15 1.75 41.12
N ALA E 221 33.19 2.58 41.25
CA ALA E 221 33.00 3.95 41.74
C ALA E 221 31.98 4.70 40.90
N GLU E 222 31.84 4.36 39.63
CA GLU E 222 30.87 5.02 38.76
C GLU E 222 29.44 4.70 39.15
N ASP E 223 29.21 3.72 40.01
CA ASP E 223 27.86 3.34 40.43
C ASP E 223 27.38 4.14 41.65
N VAL E 224 28.24 4.96 42.25
CA VAL E 224 27.84 5.74 43.41
C VAL E 224 26.73 6.70 43.00
N GLY E 225 25.56 6.54 43.59
CA GLY E 225 24.43 7.39 43.26
C GLY E 225 23.15 6.85 43.86
N VAL E 226 22.05 7.46 43.47
CA VAL E 226 20.71 7.10 43.94
C VAL E 226 19.97 6.40 42.81
N TYR E 227 19.48 5.20 43.08
CA TYR E 227 18.72 4.43 42.10
C TYR E 227 17.24 4.67 42.30
N TYR E 228 16.54 5.01 41.21
CA TYR E 228 15.13 5.29 41.23
C TYR E 228 14.38 4.29 40.35
N CYS E 229 13.12 4.03 40.71
CA CYS E 229 12.25 3.14 39.97
C CYS E 229 11.02 3.90 39.50
N MET E 230 10.44 3.44 38.39
CA MET E 230 9.28 4.11 37.80
C MET E 230 8.39 3.07 37.14
N GLN E 231 7.09 3.28 37.24
CA GLN E 231 6.09 2.44 36.59
C GLN E 231 5.41 3.23 35.49
N HIS E 232 5.10 2.55 34.38
CA HIS E 232 4.50 3.20 33.22
C HIS E 232 3.21 2.50 32.79
N LEU E 233 2.59 1.71 33.68
CA LEU E 233 1.34 1.06 33.34
C LEU E 233 0.21 2.08 33.26
N GLU E 234 0.22 3.06 34.15
CA GLU E 234 -0.79 4.11 34.18
C GLU E 234 -0.12 5.46 33.97
N TYR E 235 -0.81 6.37 33.28
CA TYR E 235 -0.26 7.69 33.02
C TYR E 235 0.12 8.45 34.29
N PRO E 236 -0.63 8.38 35.40
CA PRO E 236 -0.15 9.03 36.63
C PRO E 236 1.05 8.33 37.22
N LEU E 237 2.22 8.55 36.62
CA LEU E 237 3.45 7.90 37.07
C LEU E 237 3.69 8.17 38.55
N THR E 238 4.47 7.28 39.16
CA THR E 238 4.82 7.41 40.58
C THR E 238 6.21 6.81 40.77
N PHE E 239 7.12 7.59 41.32
CA PHE E 239 8.49 7.16 41.55
C PHE E 239 8.66 6.65 42.98
N GLY E 240 9.67 5.79 43.16
CA GLY E 240 9.96 5.22 44.46
C GLY E 240 10.71 6.19 45.34
N ALA E 241 10.95 5.74 46.58
CA ALA E 241 11.66 6.57 47.54
C ALA E 241 13.11 6.80 47.14
N GLY E 242 13.71 5.87 46.41
CA GLY E 242 15.09 6.01 45.99
C GLY E 242 16.06 5.33 46.92
N THR E 243 16.97 4.53 46.36
CA THR E 243 17.98 3.81 47.14
C THR E 243 19.34 4.41 46.83
N LYS E 244 20.00 4.93 47.87
CA LYS E 244 21.32 5.55 47.74
C LYS E 244 22.38 4.56 48.16
N LEU E 245 23.43 4.43 47.35
CA LEU E 245 24.55 3.54 47.62
C LEU E 245 25.76 4.38 48.00
N GLU E 246 26.19 4.26 49.26
CA GLU E 246 27.32 5.00 49.78
C GLU E 246 28.54 4.10 49.83
N LEU E 247 29.65 4.56 49.26
CA LEU E 247 30.89 3.79 49.24
C LEU E 247 31.42 3.62 50.65
#